data_2YTT
#
_entry.id   2YTT
#
loop_
_entity.id
_entity.type
_entity.pdbx_description
1 polymer 'Zinc finger protein 473'
2 non-polymer 'ZINC ION'
#
_entity_poly.entity_id   1
_entity_poly.type   'polypeptide(L)'
_entity_poly.pdbx_seq_one_letter_code
;GSSGSSGEGEKPYQCSECGKSFSGSYRLTQHWITHTREKPSGPSSG
;
_entity_poly.pdbx_strand_id   A
#
loop_
_chem_comp.id
_chem_comp.type
_chem_comp.name
_chem_comp.formula
ZN non-polymer 'ZINC ION' 'Zn 2'
#
# COMPACT_ATOMS: atom_id res chain seq x y z
N GLY A 1 -6.97 5.91 -24.22
CA GLY A 1 -5.62 6.14 -24.68
C GLY A 1 -4.57 5.74 -23.66
N SER A 2 -4.43 6.55 -22.62
CA SER A 2 -3.45 6.27 -21.56
C SER A 2 -4.12 6.30 -20.19
N SER A 3 -5.31 5.71 -20.11
CA SER A 3 -6.05 5.66 -18.86
C SER A 3 -6.70 4.30 -18.66
N GLY A 4 -6.68 3.81 -17.42
CA GLY A 4 -7.27 2.52 -17.12
C GLY A 4 -6.37 1.66 -16.24
N SER A 5 -6.76 0.40 -16.05
CA SER A 5 -5.99 -0.52 -15.23
C SER A 5 -4.49 -0.25 -15.37
N SER A 6 -4.05 -0.06 -16.62
CA SER A 6 -2.64 0.21 -16.89
C SER A 6 -2.41 1.68 -17.21
N GLY A 7 -2.16 2.47 -16.18
CA GLY A 7 -1.94 3.90 -16.36
C GLY A 7 -0.48 4.28 -16.15
N GLU A 8 -0.25 5.56 -15.87
CA GLU A 8 1.10 6.06 -15.64
C GLU A 8 1.32 6.41 -14.17
N GLY A 9 1.81 5.45 -13.41
CA GLY A 9 2.05 5.69 -12.00
C GLY A 9 2.07 4.40 -11.19
N GLU A 10 2.69 3.36 -11.75
CA GLU A 10 2.79 2.07 -11.08
C GLU A 10 4.20 1.80 -10.61
N LYS A 11 4.32 1.29 -9.39
CA LYS A 11 5.64 0.99 -8.81
C LYS A 11 5.77 -0.50 -8.54
N PRO A 12 7.02 -1.00 -8.64
CA PRO A 12 7.32 -2.43 -8.41
C PRO A 12 7.18 -2.82 -6.95
N TYR A 13 7.05 -1.83 -6.09
CA TYR A 13 6.91 -2.06 -4.65
C TYR A 13 5.68 -1.35 -4.10
N GLN A 14 4.57 -1.44 -4.84
CA GLN A 14 3.33 -0.82 -4.42
C GLN A 14 2.43 -1.81 -3.71
N CYS A 15 2.02 -1.46 -2.49
CA CYS A 15 1.16 -2.33 -1.69
C CYS A 15 -0.06 -2.77 -2.50
N SER A 16 -0.62 -3.92 -2.14
CA SER A 16 -1.79 -4.45 -2.84
C SER A 16 -3.01 -4.47 -1.92
N GLU A 17 -2.77 -4.76 -0.64
CA GLU A 17 -3.84 -4.82 0.35
C GLU A 17 -4.63 -3.51 0.37
N CYS A 18 -3.93 -2.40 0.50
CA CYS A 18 -4.56 -1.09 0.54
C CYS A 18 -4.14 -0.25 -0.66
N GLY A 19 -2.85 -0.30 -1.00
CA GLY A 19 -2.34 0.45 -2.13
C GLY A 19 -1.55 1.67 -1.69
N LYS A 20 -0.23 1.54 -1.62
CA LYS A 20 0.63 2.64 -1.23
C LYS A 20 2.05 2.44 -1.77
N SER A 21 2.47 3.37 -2.63
CA SER A 21 3.80 3.30 -3.23
C SER A 21 4.85 3.84 -2.27
N PHE A 22 6.11 3.48 -2.52
CA PHE A 22 7.22 3.92 -1.67
C PHE A 22 8.54 3.89 -2.45
N SER A 23 9.40 4.85 -2.15
CA SER A 23 10.70 4.94 -2.81
C SER A 23 11.69 3.93 -2.22
N GLY A 24 11.56 2.68 -2.63
CA GLY A 24 12.44 1.64 -2.13
C GLY A 24 11.69 0.52 -1.43
N SER A 25 12.19 -0.70 -1.57
CA SER A 25 11.55 -1.86 -0.95
C SER A 25 11.51 -1.71 0.58
N TYR A 26 12.69 -1.52 1.17
CA TYR A 26 12.79 -1.37 2.62
C TYR A 26 11.66 -0.51 3.16
N ARG A 27 11.43 0.63 2.52
CA ARG A 27 10.36 1.53 2.94
C ARG A 27 9.03 0.80 3.01
N LEU A 28 8.68 0.11 1.94
CA LEU A 28 7.42 -0.63 1.88
C LEU A 28 7.15 -1.35 3.19
N THR A 29 8.11 -2.19 3.60
CA THR A 29 7.98 -2.95 4.83
C THR A 29 7.32 -2.11 5.93
N GLN A 30 8.01 -1.05 6.34
CA GLN A 30 7.49 -0.17 7.38
C GLN A 30 5.99 0.00 7.25
N HIS A 31 5.53 0.27 6.02
CA HIS A 31 4.11 0.47 5.76
C HIS A 31 3.34 -0.84 5.98
N TRP A 32 3.79 -1.90 5.31
CA TRP A 32 3.14 -3.20 5.44
C TRP A 32 2.82 -3.52 6.90
N ILE A 33 3.54 -2.87 7.80
CA ILE A 33 3.34 -3.09 9.23
C ILE A 33 1.87 -2.90 9.61
N THR A 34 1.30 -1.78 9.17
CA THR A 34 -0.10 -1.48 9.47
C THR A 34 -1.00 -2.68 9.17
N HIS A 35 -0.50 -3.61 8.36
CA HIS A 35 -1.25 -4.80 8.00
C HIS A 35 -0.93 -5.95 8.95
N THR A 36 -0.41 -5.62 10.12
CA THR A 36 -0.05 -6.63 11.11
C THR A 36 -0.79 -6.40 12.42
N ARG A 37 -0.75 -5.16 12.91
CA ARG A 37 -1.41 -4.81 14.16
C ARG A 37 -2.93 -4.79 13.98
N GLU A 38 -3.38 -4.20 12.87
CA GLU A 38 -4.80 -4.11 12.58
C GLU A 38 -5.50 -5.44 12.86
N LYS A 39 -6.47 -5.42 13.77
CA LYS A 39 -7.20 -6.63 14.13
C LYS A 39 -8.69 -6.45 13.83
N PRO A 40 -9.07 -6.63 12.56
CA PRO A 40 -10.47 -6.50 12.12
C PRO A 40 -11.35 -7.63 12.64
N SER A 41 -12.62 -7.33 12.86
CA SER A 41 -13.57 -8.31 13.37
C SER A 41 -13.61 -9.55 12.46
N GLY A 42 -13.89 -9.33 11.18
CA GLY A 42 -13.95 -10.44 10.24
C GLY A 42 -14.18 -9.96 8.81
N PRO A 43 -15.46 -9.81 8.44
CA PRO A 43 -15.83 -9.37 7.09
C PRO A 43 -15.49 -7.90 6.85
N SER A 44 -14.31 -7.67 6.28
CA SER A 44 -13.85 -6.32 6.00
C SER A 44 -13.57 -6.13 4.51
N SER A 45 -12.72 -6.99 3.97
CA SER A 45 -12.35 -6.93 2.56
C SER A 45 -13.58 -7.14 1.68
N GLY A 46 -13.39 -7.04 0.36
CA GLY A 46 -14.49 -7.22 -0.57
C GLY A 46 -14.98 -5.91 -1.15
ZN ZN B . -0.89 -1.30 2.48
N GLY A 1 -15.82 9.94 -19.36
CA GLY A 1 -14.39 9.71 -19.38
C GLY A 1 -14.02 8.33 -19.89
N SER A 2 -12.89 8.24 -20.59
CA SER A 2 -12.43 6.96 -21.12
C SER A 2 -11.20 6.47 -20.36
N SER A 3 -11.27 5.24 -19.88
CA SER A 3 -10.17 4.64 -19.13
C SER A 3 -9.05 4.21 -20.07
N GLY A 4 -8.01 5.03 -20.15
CA GLY A 4 -6.88 4.72 -21.02
C GLY A 4 -5.56 4.84 -20.30
N SER A 5 -4.89 5.98 -20.46
CA SER A 5 -3.59 6.21 -19.84
C SER A 5 -3.59 5.68 -18.40
N SER A 6 -2.58 4.89 -18.07
CA SER A 6 -2.46 4.33 -16.73
C SER A 6 -1.64 5.23 -15.83
N GLY A 7 -2.34 6.07 -15.06
CA GLY A 7 -1.66 6.99 -14.17
C GLY A 7 -0.43 7.63 -14.79
N GLU A 8 0.56 7.92 -13.97
CA GLU A 8 1.79 8.54 -14.46
C GLU A 8 2.96 7.56 -14.39
N GLY A 9 3.20 7.02 -13.19
CA GLY A 9 4.29 6.08 -13.01
C GLY A 9 4.10 5.20 -11.79
N GLU A 10 3.87 3.91 -12.03
CA GLU A 10 3.67 2.96 -10.93
C GLU A 10 4.97 2.28 -10.56
N LYS A 11 5.40 2.47 -9.30
CA LYS A 11 6.63 1.88 -8.82
C LYS A 11 6.50 0.36 -8.71
N PRO A 12 7.65 -0.33 -8.67
CA PRO A 12 7.69 -1.80 -8.57
C PRO A 12 7.23 -2.29 -7.21
N TYR A 13 7.14 -1.38 -6.25
CA TYR A 13 6.71 -1.74 -4.89
C TYR A 13 5.40 -1.04 -4.55
N GLN A 14 4.29 -1.69 -4.90
CA GLN A 14 2.97 -1.13 -4.62
C GLN A 14 2.23 -1.99 -3.60
N CYS A 15 2.06 -1.44 -2.39
CA CYS A 15 1.38 -2.15 -1.32
C CYS A 15 0.00 -2.61 -1.77
N SER A 16 -0.13 -3.90 -2.08
CA SER A 16 -1.40 -4.47 -2.52
C SER A 16 -2.42 -4.48 -1.39
N GLU A 17 -1.96 -4.81 -0.19
CA GLU A 17 -2.83 -4.86 0.98
C GLU A 17 -3.88 -3.75 0.92
N CYS A 18 -3.41 -2.51 0.87
CA CYS A 18 -4.31 -1.36 0.81
C CYS A 18 -4.24 -0.69 -0.56
N GLY A 19 -3.03 -0.46 -1.04
CA GLY A 19 -2.85 0.17 -2.34
C GLY A 19 -2.03 1.44 -2.25
N LYS A 20 -0.75 1.30 -1.94
CA LYS A 20 0.14 2.45 -1.82
C LYS A 20 1.30 2.33 -2.80
N SER A 21 2.05 3.43 -2.97
CA SER A 21 3.18 3.45 -3.88
C SER A 21 4.43 3.97 -3.18
N PHE A 22 5.51 3.18 -3.21
CA PHE A 22 6.75 3.56 -2.58
C PHE A 22 7.93 3.33 -3.53
N SER A 23 8.98 4.13 -3.36
CA SER A 23 10.17 4.01 -4.19
C SER A 23 11.11 2.94 -3.66
N GLY A 24 11.33 2.95 -2.34
CA GLY A 24 12.20 1.97 -1.73
C GLY A 24 11.45 0.76 -1.20
N SER A 25 12.09 -0.40 -1.25
CA SER A 25 11.48 -1.63 -0.78
C SER A 25 11.35 -1.64 0.73
N TYR A 26 12.48 -1.42 1.41
CA TYR A 26 12.51 -1.41 2.87
C TYR A 26 11.31 -0.65 3.42
N ARG A 27 11.10 0.56 2.93
CA ARG A 27 9.98 1.39 3.37
C ARG A 27 8.67 0.61 3.30
N LEU A 28 8.46 -0.08 2.19
CA LEU A 28 7.25 -0.86 1.98
C LEU A 28 6.98 -1.77 3.18
N THR A 29 7.93 -2.66 3.47
CA THR A 29 7.79 -3.58 4.59
C THR A 29 7.32 -2.86 5.84
N GLN A 30 8.08 -1.87 6.28
CA GLN A 30 7.72 -1.10 7.46
C GLN A 30 6.26 -0.69 7.44
N HIS A 31 5.85 -0.03 6.35
CA HIS A 31 4.47 0.41 6.20
C HIS A 31 3.51 -0.77 6.33
N TRP A 32 3.79 -1.84 5.60
CA TRP A 32 2.94 -3.03 5.63
C TRP A 32 2.58 -3.39 7.06
N ILE A 33 3.56 -3.41 7.94
CA ILE A 33 3.34 -3.74 9.34
C ILE A 33 2.07 -3.10 9.86
N THR A 34 1.81 -1.87 9.43
CA THR A 34 0.62 -1.15 9.86
C THR A 34 -0.61 -2.03 9.79
N HIS A 35 -0.77 -2.75 8.69
CA HIS A 35 -1.91 -3.65 8.51
C HIS A 35 -1.86 -4.80 9.51
N THR A 36 -0.66 -5.30 9.76
CA THR A 36 -0.48 -6.41 10.69
C THR A 36 0.76 -6.20 11.55
N ARG A 37 0.57 -6.16 12.86
CA ARG A 37 1.67 -5.98 13.80
C ARG A 37 1.83 -7.20 14.70
N GLU A 38 0.78 -7.51 15.45
CA GLU A 38 0.81 -8.65 16.36
C GLU A 38 -0.16 -9.74 15.90
N LYS A 39 -1.41 -9.35 15.66
CA LYS A 39 -2.43 -10.29 15.21
C LYS A 39 -2.54 -10.30 13.70
N PRO A 40 -2.90 -11.46 13.13
CA PRO A 40 -3.04 -11.63 11.69
C PRO A 40 -4.24 -10.88 11.13
N SER A 41 -4.52 -11.08 9.85
CA SER A 41 -5.65 -10.41 9.20
C SER A 41 -6.92 -10.54 10.03
N GLY A 42 -7.81 -9.57 9.89
CA GLY A 42 -9.06 -9.59 10.63
C GLY A 42 -10.27 -9.69 9.74
N PRO A 43 -10.70 -8.54 9.19
CA PRO A 43 -11.86 -8.47 8.30
C PRO A 43 -11.60 -9.14 6.95
N SER A 44 -10.39 -8.95 6.42
CA SER A 44 -10.02 -9.52 5.14
C SER A 44 -9.73 -11.01 5.28
N SER A 45 -10.69 -11.83 4.90
CA SER A 45 -10.55 -13.29 4.98
C SER A 45 -9.44 -13.77 4.06
N GLY A 46 -8.66 -14.74 4.54
CA GLY A 46 -7.58 -15.27 3.74
C GLY A 46 -6.24 -15.15 4.43
ZN ZN B . -0.58 -0.65 2.81
N GLY A 1 -14.95 18.59 -14.17
CA GLY A 1 -13.59 18.24 -13.82
C GLY A 1 -13.35 16.74 -13.79
N SER A 2 -13.14 16.16 -14.97
CA SER A 2 -12.91 14.72 -15.08
C SER A 2 -11.42 14.42 -15.12
N SER A 3 -10.82 14.22 -13.94
CA SER A 3 -9.40 13.92 -13.84
C SER A 3 -9.12 13.00 -12.65
N GLY A 4 -8.10 12.16 -12.79
CA GLY A 4 -7.75 11.24 -11.73
C GLY A 4 -6.43 10.54 -11.98
N SER A 5 -6.34 9.84 -13.11
CA SER A 5 -5.13 9.11 -13.47
C SER A 5 -3.97 10.07 -13.71
N SER A 6 -3.17 10.30 -12.67
CA SER A 6 -2.03 11.20 -12.77
C SER A 6 -0.73 10.47 -12.44
N GLY A 7 0.27 10.65 -13.30
CA GLY A 7 1.55 10.01 -13.08
C GLY A 7 1.78 8.85 -14.03
N GLU A 8 2.59 9.07 -15.06
CA GLU A 8 2.89 8.03 -16.03
C GLU A 8 4.03 7.14 -15.55
N GLY A 9 3.68 6.00 -14.97
CA GLY A 9 4.70 5.08 -14.48
C GLY A 9 4.28 4.40 -13.19
N GLU A 10 4.27 3.07 -13.19
CA GLU A 10 3.89 2.30 -12.02
C GLU A 10 5.13 1.72 -11.33
N LYS A 11 5.26 1.99 -10.04
CA LYS A 11 6.39 1.49 -9.27
C LYS A 11 6.24 -0.01 -8.99
N PRO A 12 7.38 -0.73 -9.00
CA PRO A 12 7.40 -2.17 -8.75
C PRO A 12 7.06 -2.52 -7.30
N TYR A 13 6.90 -1.50 -6.48
CA TYR A 13 6.58 -1.69 -5.07
C TYR A 13 5.30 -0.97 -4.70
N GLN A 14 4.17 -1.64 -4.89
CA GLN A 14 2.87 -1.05 -4.57
C GLN A 14 2.08 -1.97 -3.63
N CYS A 15 1.89 -1.52 -2.39
CA CYS A 15 1.15 -2.29 -1.41
C CYS A 15 -0.28 -2.52 -1.85
N SER A 16 -0.59 -3.77 -2.22
CA SER A 16 -1.93 -4.12 -2.68
C SER A 16 -2.93 -4.05 -1.52
N GLU A 17 -2.52 -4.54 -0.37
CA GLU A 17 -3.39 -4.53 0.81
C GLU A 17 -4.21 -3.25 0.87
N CYS A 18 -3.53 -2.11 0.83
CA CYS A 18 -4.21 -0.82 0.87
C CYS A 18 -4.15 -0.13 -0.48
N GLY A 19 -2.95 -0.04 -1.05
CA GLY A 19 -2.78 0.60 -2.33
C GLY A 19 -1.83 1.78 -2.28
N LYS A 20 -0.76 1.63 -1.51
CA LYS A 20 0.23 2.70 -1.37
C LYS A 20 1.58 2.26 -1.92
N SER A 21 2.16 3.08 -2.79
CA SER A 21 3.45 2.77 -3.40
C SER A 21 4.56 3.61 -2.77
N PHE A 22 5.80 3.19 -2.97
CA PHE A 22 6.95 3.90 -2.43
C PHE A 22 8.18 3.69 -3.30
N SER A 23 9.20 4.51 -3.08
CA SER A 23 10.44 4.42 -3.84
C SER A 23 11.53 3.71 -3.05
N GLY A 24 11.17 2.60 -2.43
CA GLY A 24 12.12 1.85 -1.64
C GLY A 24 11.50 0.64 -0.97
N SER A 25 12.14 -0.51 -1.12
CA SER A 25 11.65 -1.75 -0.54
C SER A 25 11.35 -1.57 0.94
N TYR A 26 12.37 -1.20 1.71
CA TYR A 26 12.21 -0.99 3.15
C TYR A 26 10.94 -0.21 3.45
N ARG A 27 10.84 0.98 2.87
CA ARG A 27 9.69 1.83 3.08
C ARG A 27 8.40 1.02 3.08
N LEU A 28 8.30 0.09 2.12
CA LEU A 28 7.11 -0.76 2.00
C LEU A 28 6.96 -1.65 3.23
N THR A 29 8.04 -2.34 3.60
CA THR A 29 8.02 -3.23 4.75
C THR A 29 7.59 -2.48 6.01
N GLN A 30 8.39 -1.50 6.42
CA GLN A 30 8.09 -0.71 7.60
C GLN A 30 6.62 -0.30 7.62
N HIS A 31 6.01 -0.22 6.44
CA HIS A 31 4.62 0.16 6.32
C HIS A 31 3.70 -1.06 6.43
N TRP A 32 4.12 -2.16 5.82
CA TRP A 32 3.34 -3.39 5.85
C TRP A 32 2.97 -3.76 7.28
N ILE A 33 3.73 -3.25 8.23
CA ILE A 33 3.50 -3.54 9.65
C ILE A 33 2.09 -3.12 10.06
N THR A 34 1.55 -2.13 9.36
CA THR A 34 0.20 -1.63 9.65
C THR A 34 -0.85 -2.72 9.44
N HIS A 35 -0.56 -3.63 8.50
CA HIS A 35 -1.49 -4.73 8.21
C HIS A 35 -1.12 -5.97 9.01
N THR A 36 -0.37 -5.77 10.09
CA THR A 36 0.05 -6.89 10.94
C THR A 36 -0.40 -6.66 12.39
N ARG A 37 0.07 -5.58 12.98
CA ARG A 37 -0.28 -5.25 14.36
C ARG A 37 -1.79 -5.37 14.58
N GLU A 38 -2.55 -4.84 13.64
CA GLU A 38 -4.01 -4.88 13.73
C GLU A 38 -4.65 -4.90 12.35
N LYS A 39 -5.35 -5.98 12.03
CA LYS A 39 -6.00 -6.12 10.74
C LYS A 39 -6.54 -4.78 10.26
N PRO A 40 -6.47 -4.56 8.94
CA PRO A 40 -6.95 -3.31 8.31
C PRO A 40 -8.47 -3.19 8.36
N SER A 41 -8.98 -2.03 7.96
CA SER A 41 -10.42 -1.80 7.95
C SER A 41 -10.82 -0.92 6.77
N GLY A 42 -12.05 -1.09 6.31
CA GLY A 42 -12.54 -0.30 5.18
C GLY A 42 -13.97 -0.63 4.82
N PRO A 43 -14.36 -0.31 3.58
CA PRO A 43 -15.72 -0.57 3.09
C PRO A 43 -16.00 -2.06 2.91
N SER A 44 -15.05 -2.77 2.31
CA SER A 44 -15.21 -4.20 2.08
C SER A 44 -16.44 -4.49 1.24
N SER A 45 -16.65 -3.68 0.20
CA SER A 45 -17.80 -3.84 -0.68
C SER A 45 -17.41 -3.60 -2.14
N GLY A 46 -18.23 -4.10 -3.05
CA GLY A 46 -17.96 -3.93 -4.47
C GLY A 46 -19.08 -4.44 -5.34
ZN ZN B . -0.42 -1.09 2.96
N GLY A 1 -14.67 0.06 -8.20
CA GLY A 1 -14.10 1.27 -7.63
C GLY A 1 -13.34 2.07 -8.64
N SER A 2 -13.00 3.31 -8.27
CA SER A 2 -12.25 4.20 -9.17
C SER A 2 -10.82 3.70 -9.36
N SER A 3 -10.21 4.11 -10.46
CA SER A 3 -8.84 3.71 -10.77
C SER A 3 -7.84 4.57 -10.01
N GLY A 4 -6.64 4.03 -9.82
CA GLY A 4 -5.60 4.78 -9.11
C GLY A 4 -4.25 4.69 -9.81
N SER A 5 -3.96 5.69 -10.63
CA SER A 5 -2.70 5.72 -11.36
C SER A 5 -1.89 6.97 -11.00
N SER A 6 -1.17 6.89 -9.89
CA SER A 6 -0.35 8.01 -9.43
C SER A 6 1.13 7.75 -9.68
N GLY A 7 1.91 8.82 -9.75
CA GLY A 7 3.33 8.69 -9.99
C GLY A 7 3.69 8.81 -11.45
N GLU A 8 4.74 8.12 -11.87
CA GLU A 8 5.20 8.16 -13.26
C GLU A 8 4.60 7.00 -14.05
N GLY A 9 4.61 5.81 -13.45
CA GLY A 9 4.08 4.65 -14.11
C GLY A 9 4.12 3.41 -13.24
N GLU A 10 4.78 2.36 -13.72
CA GLU A 10 4.90 1.12 -12.97
C GLU A 10 5.83 1.27 -11.78
N LYS A 11 5.31 1.04 -10.58
CA LYS A 11 6.10 1.15 -9.37
C LYS A 11 6.73 -0.19 -9.00
N PRO A 12 7.95 -0.13 -8.45
CA PRO A 12 8.69 -1.33 -8.04
C PRO A 12 8.07 -2.01 -6.82
N TYR A 13 7.26 -1.26 -6.09
CA TYR A 13 6.60 -1.79 -4.90
C TYR A 13 5.34 -0.99 -4.58
N GLN A 14 4.19 -1.65 -4.67
CA GLN A 14 2.92 -1.01 -4.39
C GLN A 14 2.09 -1.84 -3.41
N CYS A 15 1.99 -1.36 -2.18
CA CYS A 15 1.22 -2.05 -1.15
C CYS A 15 -0.20 -2.34 -1.62
N SER A 16 -0.60 -3.60 -1.57
CA SER A 16 -1.93 -4.01 -1.99
C SER A 16 -2.92 -3.91 -0.84
N GLU A 17 -2.45 -4.24 0.36
CA GLU A 17 -3.31 -4.18 1.55
C GLU A 17 -4.24 -2.98 1.49
N CYS A 18 -3.68 -1.81 1.19
CA CYS A 18 -4.47 -0.59 1.11
C CYS A 18 -4.38 0.02 -0.29
N GLY A 19 -3.15 0.14 -0.80
CA GLY A 19 -2.95 0.71 -2.12
C GLY A 19 -2.05 1.92 -2.10
N LYS A 20 -0.85 1.76 -1.55
CA LYS A 20 0.11 2.85 -1.46
C LYS A 20 1.49 2.40 -1.94
N SER A 21 2.05 3.14 -2.89
CA SER A 21 3.35 2.81 -3.44
C SER A 21 4.43 3.73 -2.87
N PHE A 22 5.65 3.23 -2.79
CA PHE A 22 6.77 4.01 -2.26
C PHE A 22 7.99 3.90 -3.17
N SER A 23 8.95 4.80 -2.97
CA SER A 23 10.17 4.81 -3.77
C SER A 23 11.25 3.97 -3.12
N GLY A 24 10.87 2.81 -2.60
CA GLY A 24 11.82 1.93 -1.95
C GLY A 24 11.15 0.80 -1.20
N SER A 25 11.69 -0.41 -1.35
CA SER A 25 11.14 -1.58 -0.69
C SER A 25 11.28 -1.46 0.84
N TYR A 26 12.45 -1.04 1.28
CA TYR A 26 12.71 -0.88 2.70
C TYR A 26 11.57 -0.16 3.40
N ARG A 27 10.99 0.82 2.71
CA ARG A 27 9.87 1.59 3.25
C ARG A 27 8.58 0.79 3.19
N LEU A 28 8.35 0.13 2.06
CA LEU A 28 7.15 -0.67 1.86
C LEU A 28 6.89 -1.57 3.07
N THR A 29 7.75 -2.56 3.25
CA THR A 29 7.62 -3.50 4.36
C THR A 29 7.27 -2.75 5.66
N GLN A 30 8.14 -1.83 6.06
CA GLN A 30 7.91 -1.06 7.28
C GLN A 30 6.45 -0.66 7.40
N HIS A 31 5.83 -0.31 6.27
CA HIS A 31 4.43 0.10 6.26
C HIS A 31 3.51 -1.12 6.33
N TRP A 32 3.77 -2.10 5.49
CA TRP A 32 2.96 -3.32 5.45
C TRP A 32 2.65 -3.80 6.86
N ILE A 33 3.68 -3.84 7.71
CA ILE A 33 3.52 -4.29 9.09
C ILE A 33 2.21 -3.78 9.68
N THR A 34 1.86 -2.54 9.35
CA THR A 34 0.63 -1.93 9.84
C THR A 34 -0.55 -2.88 9.67
N HIS A 35 -0.65 -3.48 8.50
CA HIS A 35 -1.73 -4.41 8.21
C HIS A 35 -1.54 -5.73 8.95
N THR A 36 -0.29 -6.13 9.13
CA THR A 36 0.03 -7.37 9.82
C THR A 36 -0.42 -7.31 11.28
N ARG A 37 0.14 -6.37 12.03
CA ARG A 37 -0.20 -6.22 13.44
C ARG A 37 -1.70 -6.30 13.65
N GLU A 38 -2.17 -7.45 14.13
CA GLU A 38 -3.59 -7.67 14.37
C GLU A 38 -4.24 -6.39 14.92
N LYS A 39 -5.12 -5.81 14.11
CA LYS A 39 -5.82 -4.59 14.50
C LYS A 39 -7.07 -4.38 13.65
N PRO A 40 -8.07 -3.69 14.22
CA PRO A 40 -9.34 -3.41 13.54
C PRO A 40 -9.17 -2.41 12.41
N SER A 41 -9.61 -2.80 11.21
CA SER A 41 -9.51 -1.92 10.04
C SER A 41 -10.89 -1.59 9.49
N GLY A 42 -11.10 -0.30 9.20
CA GLY A 42 -12.37 0.13 8.66
C GLY A 42 -12.79 -0.65 7.44
N PRO A 43 -14.04 -0.44 7.00
CA PRO A 43 -14.59 -1.13 5.83
C PRO A 43 -13.95 -0.65 4.52
N SER A 44 -13.14 -1.51 3.92
CA SER A 44 -12.47 -1.18 2.66
C SER A 44 -11.92 -2.43 1.99
N SER A 45 -12.28 -2.62 0.73
CA SER A 45 -11.82 -3.78 -0.03
C SER A 45 -11.70 -3.44 -1.51
N GLY A 46 -10.94 -4.26 -2.24
CA GLY A 46 -10.75 -4.04 -3.66
C GLY A 46 -9.53 -3.18 -3.95
ZN ZN B . -0.75 -0.60 2.98
N GLY A 1 -6.39 11.32 -35.42
CA GLY A 1 -7.13 11.23 -34.16
C GLY A 1 -6.26 11.53 -32.96
N SER A 2 -6.86 11.49 -31.77
CA SER A 2 -6.14 11.77 -30.54
C SER A 2 -5.39 10.54 -30.05
N SER A 3 -4.16 10.73 -29.58
CA SER A 3 -3.34 9.63 -29.09
C SER A 3 -2.23 10.15 -28.18
N GLY A 4 -1.61 9.23 -27.44
CA GLY A 4 -0.54 9.61 -26.53
C GLY A 4 -0.66 8.94 -25.18
N SER A 5 0.45 8.39 -24.69
CA SER A 5 0.47 7.72 -23.41
C SER A 5 0.28 8.72 -22.27
N SER A 6 -0.46 8.31 -21.25
CA SER A 6 -0.72 9.17 -20.10
C SER A 6 0.58 9.75 -19.56
N GLY A 7 1.55 8.89 -19.30
CA GLY A 7 2.83 9.34 -18.77
C GLY A 7 3.40 8.40 -17.73
N GLU A 8 2.54 7.99 -16.79
CA GLU A 8 2.97 7.08 -15.73
C GLU A 8 2.01 5.91 -15.59
N GLY A 9 2.55 4.72 -15.36
CA GLY A 9 1.73 3.53 -15.23
C GLY A 9 1.78 2.96 -13.83
N GLU A 10 2.17 1.69 -13.72
CA GLU A 10 2.26 1.02 -12.43
C GLU A 10 3.69 1.10 -11.88
N LYS A 11 3.82 0.90 -10.57
CA LYS A 11 5.12 0.94 -9.92
C LYS A 11 5.53 -0.45 -9.43
N PRO A 12 6.82 -0.74 -9.51
CA PRO A 12 7.37 -2.04 -9.07
C PRO A 12 7.33 -2.20 -7.56
N TYR A 13 7.20 -1.09 -6.85
CA TYR A 13 7.15 -1.12 -5.39
C TYR A 13 5.90 -0.40 -4.88
N GLN A 14 4.77 -1.08 -4.95
CA GLN A 14 3.50 -0.52 -4.49
C GLN A 14 2.68 -1.55 -3.73
N CYS A 15 2.26 -1.20 -2.53
CA CYS A 15 1.47 -2.11 -1.70
C CYS A 15 0.18 -2.50 -2.42
N SER A 16 -0.39 -3.64 -2.02
CA SER A 16 -1.62 -4.14 -2.62
C SER A 16 -2.77 -4.08 -1.63
N GLU A 17 -2.49 -4.46 -0.38
CA GLU A 17 -3.51 -4.47 0.67
C GLU A 17 -4.34 -3.18 0.62
N CYS A 18 -3.67 -2.04 0.72
CA CYS A 18 -4.34 -0.75 0.69
C CYS A 18 -4.09 -0.04 -0.62
N GLY A 19 -2.83 -0.02 -1.06
CA GLY A 19 -2.48 0.63 -2.30
C GLY A 19 -1.67 1.89 -2.09
N LYS A 20 -0.39 1.74 -1.78
CA LYS A 20 0.49 2.87 -1.55
C LYS A 20 1.90 2.58 -2.05
N SER A 21 2.46 3.51 -2.81
CA SER A 21 3.80 3.35 -3.35
C SER A 21 4.84 3.95 -2.41
N PHE A 22 5.96 3.24 -2.23
CA PHE A 22 7.03 3.71 -1.35
C PHE A 22 8.35 3.74 -2.09
N SER A 23 9.28 4.56 -1.60
CA SER A 23 10.60 4.69 -2.21
C SER A 23 11.13 3.33 -2.65
N GLY A 24 11.22 2.41 -1.70
CA GLY A 24 11.72 1.07 -2.00
C GLY A 24 11.12 0.02 -1.09
N SER A 25 11.87 -1.07 -0.87
CA SER A 25 11.40 -2.16 -0.03
C SER A 25 11.47 -1.77 1.45
N TYR A 26 12.67 -1.44 1.91
CA TYR A 26 12.88 -1.04 3.30
C TYR A 26 11.70 -0.23 3.82
N ARG A 27 11.32 0.81 3.06
CA ARG A 27 10.20 1.66 3.44
C ARG A 27 8.89 0.89 3.37
N LEU A 28 8.67 0.20 2.26
CA LEU A 28 7.44 -0.57 2.07
C LEU A 28 7.17 -1.46 3.28
N THR A 29 8.23 -2.09 3.79
CA THR A 29 8.09 -2.97 4.95
C THR A 29 7.54 -2.22 6.15
N GLN A 30 8.18 -1.11 6.51
CA GLN A 30 7.75 -0.31 7.64
C GLN A 30 6.24 -0.08 7.60
N HIS A 31 5.72 0.21 6.41
CA HIS A 31 4.29 0.45 6.25
C HIS A 31 3.51 -0.87 6.33
N TRP A 32 3.89 -1.83 5.50
CA TRP A 32 3.23 -3.13 5.48
C TRP A 32 2.88 -3.58 6.89
N ILE A 33 3.81 -3.41 7.82
CA ILE A 33 3.60 -3.80 9.21
C ILE A 33 2.18 -3.49 9.65
N THR A 34 1.69 -2.32 9.27
CA THR A 34 0.32 -1.92 9.63
C THR A 34 -0.67 -3.04 9.41
N HIS A 35 -0.66 -3.60 8.20
CA HIS A 35 -1.55 -4.69 7.85
C HIS A 35 -1.22 -5.95 8.64
N THR A 36 0.07 -6.18 8.86
CA THR A 36 0.53 -7.35 9.60
C THR A 36 -0.22 -7.48 10.93
N ARG A 37 -0.31 -6.36 11.66
CA ARG A 37 -0.99 -6.35 12.94
C ARG A 37 -2.18 -5.39 12.93
N GLU A 38 -3.33 -5.86 13.38
CA GLU A 38 -4.53 -5.05 13.40
C GLU A 38 -5.14 -5.02 14.81
N LYS A 39 -5.62 -3.85 15.22
CA LYS A 39 -6.21 -3.68 16.53
C LYS A 39 -7.31 -2.63 16.50
N PRO A 40 -8.38 -2.86 17.29
CA PRO A 40 -9.51 -1.93 17.37
C PRO A 40 -9.15 -0.62 18.08
N SER A 41 -9.29 0.49 17.37
CA SER A 41 -8.98 1.80 17.93
C SER A 41 -9.90 2.87 17.36
N GLY A 42 -9.82 4.07 17.93
CA GLY A 42 -10.67 5.16 17.48
C GLY A 42 -12.02 5.16 18.16
N PRO A 43 -12.57 6.37 18.38
CA PRO A 43 -13.88 6.55 19.03
C PRO A 43 -15.02 6.08 18.13
N SER A 44 -16.02 5.43 18.74
CA SER A 44 -17.18 4.94 18.00
C SER A 44 -18.30 5.96 18.00
N SER A 45 -18.18 6.96 17.11
CA SER A 45 -19.19 8.00 17.01
C SER A 45 -20.58 7.41 16.84
N GLY A 46 -21.57 8.04 17.47
CA GLY A 46 -22.94 7.57 17.38
C GLY A 46 -23.84 8.20 18.41
ZN ZN B . -0.61 -1.02 2.43
N GLY A 1 -20.18 13.34 -15.70
CA GLY A 1 -18.80 13.74 -15.60
C GLY A 1 -17.94 12.68 -14.94
N SER A 2 -16.62 12.85 -15.04
CA SER A 2 -15.69 11.89 -14.45
C SER A 2 -14.30 12.50 -14.32
N SER A 3 -13.42 11.80 -13.61
CA SER A 3 -12.05 12.28 -13.41
C SER A 3 -11.04 11.33 -14.03
N GLY A 4 -10.01 11.90 -14.64
CA GLY A 4 -8.98 11.09 -15.28
C GLY A 4 -7.69 11.05 -14.48
N SER A 5 -6.65 10.47 -15.07
CA SER A 5 -5.36 10.37 -14.40
C SER A 5 -4.30 9.83 -15.35
N SER A 6 -3.03 10.07 -15.03
CA SER A 6 -1.93 9.60 -15.85
C SER A 6 -1.20 8.44 -15.19
N GLY A 7 -0.51 7.64 -16.00
CA GLY A 7 0.21 6.50 -15.48
C GLY A 7 0.13 5.29 -16.40
N GLU A 8 1.18 5.07 -17.18
CA GLU A 8 1.22 3.94 -18.11
C GLU A 8 1.08 2.62 -17.37
N GLY A 9 1.89 2.45 -16.32
CA GLY A 9 1.84 1.23 -15.54
C GLY A 9 1.88 1.49 -14.05
N GLU A 10 1.97 0.42 -13.26
CA GLU A 10 2.01 0.54 -11.81
C GLU A 10 3.42 0.33 -11.29
N LYS A 11 3.78 1.06 -10.24
CA LYS A 11 5.11 0.96 -9.65
C LYS A 11 5.34 -0.44 -9.08
N PRO A 12 6.59 -0.91 -9.15
CA PRO A 12 6.97 -2.24 -8.64
C PRO A 12 6.93 -2.32 -7.12
N TYR A 13 6.95 -1.15 -6.48
CA TYR A 13 6.92 -1.08 -5.03
C TYR A 13 5.62 -0.46 -4.53
N GLN A 14 4.50 -1.04 -4.96
CA GLN A 14 3.18 -0.53 -4.57
C GLN A 14 2.50 -1.50 -3.61
N CYS A 15 2.23 -1.01 -2.40
CA CYS A 15 1.59 -1.82 -1.37
C CYS A 15 0.30 -2.45 -1.90
N SER A 16 0.31 -3.76 -2.07
CA SER A 16 -0.85 -4.47 -2.58
C SER A 16 -1.83 -4.77 -1.45
N GLU A 17 -1.96 -3.84 -0.52
CA GLU A 17 -2.86 -4.01 0.62
C GLU A 17 -3.83 -2.85 0.72
N CYS A 18 -3.32 -1.63 0.58
CA CYS A 18 -4.14 -0.43 0.66
C CYS A 18 -4.22 0.27 -0.70
N GLY A 19 -3.04 0.58 -1.25
CA GLY A 19 -2.99 1.24 -2.54
C GLY A 19 -2.06 2.45 -2.53
N LYS A 20 -0.81 2.21 -2.19
CA LYS A 20 0.18 3.29 -2.14
C LYS A 20 1.57 2.78 -2.51
N SER A 21 2.36 3.63 -3.16
CA SER A 21 3.71 3.25 -3.57
C SER A 21 4.76 4.05 -2.80
N PHE A 22 5.94 3.47 -2.64
CA PHE A 22 7.03 4.12 -1.92
C PHE A 22 8.34 4.03 -2.70
N SER A 23 9.36 4.73 -2.23
CA SER A 23 10.65 4.73 -2.89
C SER A 23 11.66 3.89 -2.11
N GLY A 24 11.53 2.58 -2.20
CA GLY A 24 12.42 1.68 -1.50
C GLY A 24 11.70 0.50 -0.90
N SER A 25 12.45 -0.57 -0.60
CA SER A 25 11.88 -1.78 -0.02
C SER A 25 11.62 -1.60 1.47
N TYR A 26 12.67 -1.20 2.20
CA TYR A 26 12.57 -0.99 3.64
C TYR A 26 11.29 -0.22 3.99
N ARG A 27 11.04 0.86 3.26
CA ARG A 27 9.86 1.68 3.49
C ARG A 27 8.59 0.85 3.37
N LEU A 28 8.47 0.11 2.27
CA LEU A 28 7.30 -0.72 2.02
C LEU A 28 7.08 -1.70 3.18
N THR A 29 8.06 -2.57 3.41
CA THR A 29 7.98 -3.54 4.49
C THR A 29 7.51 -2.89 5.79
N GLN A 30 8.24 -1.87 6.22
CA GLN A 30 7.90 -1.16 7.44
C GLN A 30 6.40 -0.86 7.51
N HIS A 31 5.89 -0.23 6.47
CA HIS A 31 4.47 0.11 6.40
C HIS A 31 3.60 -1.14 6.43
N TRP A 32 3.85 -2.05 5.51
CA TRP A 32 3.09 -3.29 5.43
C TRP A 32 2.80 -3.84 6.82
N ILE A 33 3.67 -3.49 7.78
CA ILE A 33 3.50 -3.94 9.15
C ILE A 33 2.10 -3.63 9.67
N THR A 34 1.64 -2.40 9.44
CA THR A 34 0.32 -1.99 9.88
C THR A 34 -0.76 -2.96 9.40
N HIS A 35 -0.51 -3.58 8.25
CA HIS A 35 -1.46 -4.52 7.68
C HIS A 35 -1.42 -5.85 8.44
N THR A 36 -0.22 -6.24 8.87
CA THR A 36 -0.04 -7.49 9.60
C THR A 36 -0.12 -7.27 11.10
N ARG A 37 -0.56 -6.07 11.50
CA ARG A 37 -0.68 -5.72 12.91
C ARG A 37 -2.13 -5.49 13.29
N GLU A 38 -2.67 -6.37 14.12
CA GLU A 38 -4.06 -6.26 14.56
C GLU A 38 -4.46 -4.80 14.74
N LYS A 39 -5.72 -4.50 14.48
CA LYS A 39 -6.23 -3.13 14.61
C LYS A 39 -7.70 -3.14 15.04
N PRO A 40 -8.08 -2.13 15.83
CA PRO A 40 -9.46 -1.99 16.32
C PRO A 40 -10.44 -1.64 15.21
N SER A 41 -11.65 -2.19 15.30
CA SER A 41 -12.68 -1.93 14.30
C SER A 41 -13.06 -0.45 14.28
N GLY A 42 -13.11 0.13 13.08
CA GLY A 42 -13.46 1.53 12.94
C GLY A 42 -13.85 1.88 11.52
N PRO A 43 -12.85 2.04 10.65
CA PRO A 43 -13.07 2.40 9.24
C PRO A 43 -13.71 1.26 8.46
N SER A 44 -14.84 1.54 7.81
CA SER A 44 -15.55 0.55 7.03
C SER A 44 -14.58 -0.22 6.12
N SER A 45 -13.80 0.52 5.34
CA SER A 45 -12.84 -0.09 4.44
C SER A 45 -11.78 -0.87 5.20
N GLY A 46 -11.30 -1.96 4.61
CA GLY A 46 -10.29 -2.78 5.25
C GLY A 46 -9.27 -3.32 4.26
ZN ZN B . -0.46 -0.69 2.71
N GLY A 1 6.95 -6.57 -39.53
CA GLY A 1 5.95 -6.42 -38.50
C GLY A 1 6.54 -6.52 -37.11
N SER A 2 6.46 -5.43 -36.35
CA SER A 2 7.00 -5.39 -35.00
C SER A 2 6.05 -4.63 -34.06
N SER A 3 5.92 -5.12 -32.83
CA SER A 3 5.06 -4.49 -31.85
C SER A 3 5.88 -3.89 -30.70
N GLY A 4 5.19 -3.23 -29.78
CA GLY A 4 5.87 -2.61 -28.65
C GLY A 4 4.92 -2.27 -27.52
N SER A 5 5.46 -2.18 -26.31
CA SER A 5 4.65 -1.86 -25.14
C SER A 5 5.42 -0.95 -24.17
N SER A 6 4.69 -0.26 -23.31
CA SER A 6 5.30 0.65 -22.34
C SER A 6 4.29 1.05 -21.27
N GLY A 7 4.73 1.02 -20.02
CA GLY A 7 3.85 1.39 -18.91
C GLY A 7 4.59 2.13 -17.82
N GLU A 8 5.24 3.23 -18.19
CA GLU A 8 5.98 4.04 -17.23
C GLU A 8 5.05 4.97 -16.46
N GLY A 9 4.49 4.46 -15.38
CA GLY A 9 3.58 5.25 -14.56
C GLY A 9 3.53 4.78 -13.13
N GLU A 10 3.44 3.47 -12.93
CA GLU A 10 3.38 2.89 -11.59
C GLU A 10 4.69 2.19 -11.23
N LYS A 11 5.17 2.44 -10.02
CA LYS A 11 6.42 1.83 -9.57
C LYS A 11 6.22 0.36 -9.24
N PRO A 12 7.31 -0.42 -9.32
CA PRO A 12 7.29 -1.86 -9.03
C PRO A 12 7.06 -2.15 -7.55
N TYR A 13 6.91 -1.10 -6.76
CA TYR A 13 6.68 -1.24 -5.32
C TYR A 13 5.32 -0.70 -4.93
N GLN A 14 4.29 -1.50 -5.14
CA GLN A 14 2.92 -1.09 -4.80
C GLN A 14 2.34 -2.01 -3.72
N CYS A 15 2.16 -1.45 -2.53
CA CYS A 15 1.61 -2.21 -1.41
C CYS A 15 0.32 -2.91 -1.82
N SER A 16 0.39 -4.23 -1.96
CA SER A 16 -0.76 -5.03 -2.35
C SER A 16 -1.60 -5.40 -1.13
N GLU A 17 -1.84 -4.42 -0.27
CA GLU A 17 -2.63 -4.63 0.94
C GLU A 17 -3.65 -3.52 1.14
N CYS A 18 -3.28 -2.30 0.74
CA CYS A 18 -4.15 -1.15 0.88
C CYS A 18 -4.20 -0.35 -0.42
N GLY A 19 -3.02 -0.09 -0.98
CA GLY A 19 -2.94 0.66 -2.22
C GLY A 19 -2.04 1.88 -2.10
N LYS A 20 -0.80 1.66 -1.72
CA LYS A 20 0.16 2.75 -1.56
C LYS A 20 1.51 2.37 -2.18
N SER A 21 2.05 3.28 -2.99
CA SER A 21 3.33 3.05 -3.64
C SER A 21 4.48 3.64 -2.82
N PHE A 22 5.62 2.96 -2.83
CA PHE A 22 6.79 3.41 -2.09
C PHE A 22 8.06 3.23 -2.91
N SER A 23 8.87 4.29 -3.00
CA SER A 23 10.10 4.24 -3.75
C SER A 23 11.19 3.51 -2.97
N GLY A 24 10.88 2.30 -2.53
CA GLY A 24 11.83 1.51 -1.78
C GLY A 24 11.24 0.21 -1.27
N SER A 25 12.11 -0.77 -1.02
CA SER A 25 11.67 -2.07 -0.53
C SER A 25 11.48 -2.05 0.99
N TYR A 26 12.45 -1.47 1.69
CA TYR A 26 12.40 -1.40 3.15
C TYR A 26 11.17 -0.61 3.60
N ARG A 27 11.08 0.63 3.14
CA ARG A 27 9.95 1.49 3.50
C ARG A 27 8.63 0.74 3.39
N LEU A 28 8.47 -0.02 2.32
CA LEU A 28 7.25 -0.80 2.10
C LEU A 28 6.99 -1.74 3.28
N THR A 29 7.99 -2.53 3.64
CA THR A 29 7.86 -3.46 4.75
C THR A 29 7.51 -2.74 6.05
N GLN A 30 8.10 -1.56 6.24
CA GLN A 30 7.85 -0.77 7.43
C GLN A 30 6.38 -0.37 7.52
N HIS A 31 5.80 0.01 6.38
CA HIS A 31 4.40 0.41 6.34
C HIS A 31 3.49 -0.81 6.43
N TRP A 32 3.82 -1.86 5.69
CA TRP A 32 3.03 -3.08 5.70
C TRP A 32 2.62 -3.46 7.12
N ILE A 33 3.55 -3.33 8.06
CA ILE A 33 3.28 -3.67 9.44
C ILE A 33 1.95 -3.08 9.90
N THR A 34 1.66 -1.87 9.43
CA THR A 34 0.42 -1.19 9.80
C THR A 34 -0.79 -2.11 9.59
N HIS A 35 -0.76 -2.89 8.51
CA HIS A 35 -1.85 -3.80 8.20
C HIS A 35 -1.86 -4.99 9.17
N THR A 36 -0.67 -5.47 9.52
CA THR A 36 -0.54 -6.59 10.44
C THR A 36 -1.05 -6.22 11.83
N ARG A 37 -0.65 -5.06 12.32
CA ARG A 37 -1.07 -4.59 13.64
C ARG A 37 -2.54 -4.18 13.62
N GLU A 38 -3.07 -3.87 14.80
CA GLU A 38 -4.46 -3.45 14.92
C GLU A 38 -4.60 -2.26 15.87
N LYS A 39 -5.60 -1.43 15.62
CA LYS A 39 -5.84 -0.25 16.44
C LYS A 39 -6.61 -0.62 17.70
N PRO A 40 -6.35 0.10 18.80
CA PRO A 40 -7.02 -0.13 20.08
C PRO A 40 -8.49 0.28 20.07
N SER A 41 -9.35 -0.65 20.47
CA SER A 41 -10.78 -0.39 20.49
C SER A 41 -11.37 -0.73 21.85
N GLY A 42 -11.10 -1.94 22.33
CA GLY A 42 -11.61 -2.36 23.62
C GLY A 42 -10.83 -1.77 24.77
N PRO A 43 -9.67 -2.37 25.09
CA PRO A 43 -8.81 -1.91 26.18
C PRO A 43 -8.14 -0.58 25.87
N SER A 44 -7.42 -0.04 26.85
CA SER A 44 -6.73 1.23 26.69
C SER A 44 -5.22 1.03 26.66
N SER A 45 -4.71 0.31 27.66
CA SER A 45 -3.28 0.05 27.76
C SER A 45 -3.01 -1.15 28.65
N GLY A 46 -1.86 -1.78 28.46
CA GLY A 46 -1.49 -2.94 29.25
C GLY A 46 -0.04 -3.32 29.09
ZN ZN B . -0.35 -0.67 2.73
N GLY A 1 -8.10 4.04 -28.19
CA GLY A 1 -8.12 3.42 -26.88
C GLY A 1 -7.76 4.40 -25.78
N SER A 2 -7.25 3.88 -24.67
CA SER A 2 -6.86 4.71 -23.53
C SER A 2 -5.35 4.88 -23.47
N SER A 3 -4.91 5.85 -22.66
CA SER A 3 -3.48 6.12 -22.52
C SER A 3 -2.81 5.06 -21.65
N GLY A 4 -3.29 4.93 -20.42
CA GLY A 4 -2.72 3.94 -19.52
C GLY A 4 -2.06 4.58 -18.31
N SER A 5 -0.96 3.98 -17.85
CA SER A 5 -0.24 4.49 -16.69
C SER A 5 0.64 5.67 -17.09
N SER A 6 0.03 6.85 -17.20
CA SER A 6 0.76 8.06 -17.58
C SER A 6 1.13 8.87 -16.35
N GLY A 7 0.13 9.29 -15.59
CA GLY A 7 0.37 10.06 -14.39
C GLY A 7 1.14 9.29 -13.34
N GLU A 8 0.42 8.77 -12.35
CA GLU A 8 1.05 8.01 -11.28
C GLU A 8 2.17 7.13 -11.82
N GLY A 9 3.24 7.01 -11.03
CA GLY A 9 4.37 6.19 -11.45
C GLY A 9 4.25 4.75 -11.00
N GLU A 10 4.30 3.83 -11.95
CA GLU A 10 4.18 2.41 -11.66
C GLU A 10 5.49 1.86 -11.08
N LYS A 11 5.46 1.50 -9.81
CA LYS A 11 6.64 0.97 -9.13
C LYS A 11 6.45 -0.50 -8.77
N PRO A 12 7.54 -1.28 -8.84
CA PRO A 12 7.53 -2.71 -8.52
C PRO A 12 7.30 -2.97 -7.03
N TYR A 13 7.15 -1.90 -6.26
CA TYR A 13 6.94 -2.01 -4.83
C TYR A 13 5.71 -1.21 -4.40
N GLN A 14 4.54 -1.65 -4.86
CA GLN A 14 3.29 -0.98 -4.52
C GLN A 14 2.43 -1.85 -3.61
N CYS A 15 2.29 -1.44 -2.36
CA CYS A 15 1.49 -2.18 -1.39
C CYS A 15 0.11 -2.49 -1.95
N SER A 16 -0.37 -3.71 -1.71
CA SER A 16 -1.68 -4.13 -2.19
C SER A 16 -2.71 -4.04 -1.08
N GLU A 17 -2.35 -4.49 0.11
CA GLU A 17 -3.24 -4.46 1.26
C GLU A 17 -4.13 -3.22 1.23
N CYS A 18 -3.51 -2.08 0.95
CA CYS A 18 -4.25 -0.81 0.89
C CYS A 18 -4.20 -0.23 -0.52
N GLY A 19 -3.01 -0.24 -1.12
CA GLY A 19 -2.86 0.30 -2.46
C GLY A 19 -2.02 1.55 -2.49
N LYS A 20 -1.00 1.61 -1.65
CA LYS A 20 -0.11 2.77 -1.57
C LYS A 20 1.25 2.44 -2.18
N SER A 21 1.90 3.46 -2.73
CA SER A 21 3.21 3.28 -3.34
C SER A 21 4.30 3.98 -2.52
N PHE A 22 5.54 3.52 -2.67
CA PHE A 22 6.66 4.10 -1.93
C PHE A 22 7.94 4.00 -2.75
N SER A 23 8.88 4.90 -2.47
CA SER A 23 10.15 4.93 -3.19
C SER A 23 11.20 4.11 -2.44
N GLY A 24 11.11 2.78 -2.56
CA GLY A 24 12.06 1.92 -1.90
C GLY A 24 11.39 0.69 -1.29
N SER A 25 12.03 -0.46 -1.47
CA SER A 25 11.49 -1.71 -0.93
C SER A 25 11.24 -1.60 0.56
N TYR A 26 12.31 -1.35 1.32
CA TYR A 26 12.20 -1.22 2.77
C TYR A 26 10.96 -0.43 3.16
N ARG A 27 10.82 0.76 2.58
CA ARG A 27 9.67 1.61 2.87
C ARG A 27 8.37 0.81 2.81
N LEU A 28 8.25 -0.06 1.81
CA LEU A 28 7.06 -0.88 1.65
C LEU A 28 6.86 -1.80 2.85
N THR A 29 7.92 -2.50 3.24
CA THR A 29 7.86 -3.41 4.38
C THR A 29 7.45 -2.68 5.64
N GLN A 30 8.29 -1.75 6.08
CA GLN A 30 8.01 -0.98 7.28
C GLN A 30 6.55 -0.54 7.33
N HIS A 31 6.00 -0.24 6.17
CA HIS A 31 4.60 0.18 6.07
C HIS A 31 3.66 -1.01 6.22
N TRP A 32 3.92 -2.06 5.45
CA TRP A 32 3.10 -3.26 5.50
C TRP A 32 2.78 -3.66 6.94
N ILE A 33 3.63 -3.20 7.87
CA ILE A 33 3.44 -3.51 9.28
C ILE A 33 2.04 -3.11 9.75
N THR A 34 1.61 -1.92 9.35
CA THR A 34 0.29 -1.42 9.73
C THR A 34 -0.78 -2.49 9.54
N HIS A 35 -0.61 -3.32 8.51
CA HIS A 35 -1.55 -4.37 8.22
C HIS A 35 -1.26 -5.62 9.05
N THR A 36 0.03 -5.91 9.23
CA THR A 36 0.44 -7.07 10.01
C THR A 36 -0.06 -6.98 11.44
N ARG A 37 0.14 -5.82 12.06
CA ARG A 37 -0.30 -5.61 13.43
C ARG A 37 -1.04 -4.28 13.57
N GLU A 38 -2.19 -4.32 14.23
CA GLU A 38 -3.01 -3.12 14.43
C GLU A 38 -3.85 -3.24 15.69
N LYS A 39 -4.53 -2.16 16.04
CA LYS A 39 -5.38 -2.14 17.23
C LYS A 39 -6.83 -1.81 16.86
N PRO A 40 -7.76 -2.30 17.68
CA PRO A 40 -9.21 -2.08 17.45
C PRO A 40 -9.61 -0.64 17.69
N SER A 41 -9.74 0.13 16.62
CA SER A 41 -10.12 1.53 16.71
C SER A 41 -11.25 1.85 15.73
N GLY A 42 -11.05 1.50 14.47
CA GLY A 42 -12.05 1.77 13.46
C GLY A 42 -11.44 2.12 12.12
N PRO A 43 -11.06 1.10 11.35
CA PRO A 43 -10.45 1.29 10.02
C PRO A 43 -11.45 1.81 9.00
N SER A 44 -12.65 1.24 9.01
CA SER A 44 -13.69 1.65 8.07
C SER A 44 -14.17 3.06 8.37
N SER A 45 -14.48 3.81 7.32
CA SER A 45 -14.95 5.19 7.46
C SER A 45 -15.74 5.63 6.24
N GLY A 46 -16.25 6.85 6.28
CA GLY A 46 -17.02 7.37 5.16
C GLY A 46 -16.75 8.85 4.91
ZN ZN B . -0.45 -0.76 2.81
N GLY A 1 -14.48 1.88 -9.99
CA GLY A 1 -14.71 3.18 -10.61
C GLY A 1 -13.79 4.25 -10.06
N SER A 2 -13.84 4.45 -8.74
CA SER A 2 -13.01 5.46 -8.10
C SER A 2 -11.54 5.25 -8.43
N SER A 3 -10.93 6.28 -9.02
CA SER A 3 -9.52 6.21 -9.40
C SER A 3 -8.87 7.58 -9.34
N GLY A 4 -7.67 7.64 -8.78
CA GLY A 4 -6.97 8.90 -8.66
C GLY A 4 -5.47 8.76 -8.88
N SER A 5 -5.06 8.75 -10.15
CA SER A 5 -3.65 8.61 -10.48
C SER A 5 -3.40 8.98 -11.95
N SER A 6 -2.63 10.05 -12.15
CA SER A 6 -2.33 10.52 -13.50
C SER A 6 -1.71 9.39 -14.34
N GLY A 7 -1.56 9.65 -15.63
CA GLY A 7 -0.99 8.66 -16.52
C GLY A 7 0.14 7.88 -15.88
N GLU A 8 1.25 8.55 -15.62
CA GLU A 8 2.40 7.91 -15.00
C GLU A 8 2.25 7.86 -13.48
N GLY A 9 3.01 6.97 -12.85
CA GLY A 9 2.95 6.84 -11.40
C GLY A 9 2.92 5.39 -10.95
N GLU A 10 3.67 4.55 -11.66
CA GLU A 10 3.75 3.13 -11.33
C GLU A 10 5.08 2.79 -10.68
N LYS A 11 5.05 2.53 -9.38
CA LYS A 11 6.26 2.19 -8.63
C LYS A 11 6.46 0.67 -8.61
N PRO A 12 7.73 0.25 -8.46
CA PRO A 12 8.09 -1.17 -8.41
C PRO A 12 7.62 -1.83 -7.12
N TYR A 13 7.34 -1.02 -6.11
CA TYR A 13 6.89 -1.54 -4.83
C TYR A 13 5.57 -0.89 -4.41
N GLN A 14 4.47 -1.49 -4.83
CA GLN A 14 3.14 -0.97 -4.51
C GLN A 14 2.43 -1.87 -3.51
N CYS A 15 2.27 -1.37 -2.29
CA CYS A 15 1.61 -2.13 -1.23
C CYS A 15 0.32 -2.77 -1.74
N SER A 16 0.35 -4.08 -1.91
CA SER A 16 -0.81 -4.81 -2.40
C SER A 16 -1.76 -5.15 -1.25
N GLU A 17 -1.73 -4.34 -0.21
CA GLU A 17 -2.59 -4.56 0.96
C GLU A 17 -3.56 -3.39 1.14
N CYS A 18 -3.18 -2.22 0.64
CA CYS A 18 -4.02 -1.04 0.74
C CYS A 18 -4.10 -0.30 -0.58
N GLY A 19 -2.96 -0.25 -1.30
CA GLY A 19 -2.93 0.42 -2.58
C GLY A 19 -2.04 1.64 -2.57
N LYS A 20 -0.83 1.49 -2.05
CA LYS A 20 0.12 2.59 -1.97
C LYS A 20 1.38 2.28 -2.77
N SER A 21 1.85 3.26 -3.54
CA SER A 21 3.05 3.09 -4.35
C SER A 21 4.27 3.68 -3.66
N PHE A 22 5.31 2.87 -3.52
CA PHE A 22 6.54 3.31 -2.87
C PHE A 22 7.76 2.98 -3.73
N SER A 23 8.84 3.73 -3.53
CA SER A 23 10.07 3.51 -4.29
C SER A 23 11.12 2.82 -3.43
N GLY A 24 10.84 1.58 -3.05
CA GLY A 24 11.77 0.82 -2.23
C GLY A 24 11.09 -0.29 -1.45
N SER A 25 11.87 -1.25 -0.98
CA SER A 25 11.35 -2.37 -0.22
C SER A 25 11.14 -1.99 1.24
N TYR A 26 12.09 -1.25 1.79
CA TYR A 26 12.02 -0.82 3.18
C TYR A 26 10.74 -0.01 3.44
N ARG A 27 10.61 1.10 2.71
CA ARG A 27 9.44 1.97 2.86
C ARG A 27 8.16 1.15 2.80
N LEU A 28 8.22 -0.01 2.15
CA LEU A 28 7.07 -0.87 2.02
C LEU A 28 6.86 -1.71 3.28
N THR A 29 7.74 -2.68 3.50
CA THR A 29 7.66 -3.55 4.66
C THR A 29 7.36 -2.74 5.92
N GLN A 30 8.17 -1.72 6.18
CA GLN A 30 8.00 -0.88 7.36
C GLN A 30 6.56 -0.38 7.46
N HIS A 31 5.90 -0.23 6.31
CA HIS A 31 4.52 0.23 6.28
C HIS A 31 3.56 -0.93 6.48
N TRP A 32 3.83 -2.05 5.83
CA TRP A 32 2.98 -3.23 5.94
C TRP A 32 2.69 -3.55 7.40
N ILE A 33 3.70 -3.40 8.25
CA ILE A 33 3.55 -3.67 9.68
C ILE A 33 2.22 -3.13 10.20
N THR A 34 1.80 -1.99 9.67
CA THR A 34 0.55 -1.37 10.09
C THR A 34 -0.62 -2.31 9.88
N HIS A 35 -0.67 -2.97 8.72
CA HIS A 35 -1.74 -3.91 8.41
C HIS A 35 -1.69 -5.11 9.34
N THR A 36 -0.50 -5.53 9.71
CA THR A 36 -0.32 -6.67 10.61
C THR A 36 -1.23 -6.55 11.83
N ARG A 37 -1.10 -5.44 12.55
CA ARG A 37 -1.90 -5.22 13.74
C ARG A 37 -3.32 -4.77 13.36
N GLU A 38 -3.41 -3.86 12.40
CA GLU A 38 -4.71 -3.36 11.96
C GLU A 38 -5.20 -4.14 10.74
N LYS A 39 -5.94 -5.22 11.00
CA LYS A 39 -6.48 -6.05 9.93
C LYS A 39 -7.91 -5.65 9.60
N PRO A 40 -8.28 -5.74 8.31
CA PRO A 40 -9.62 -5.39 7.84
C PRO A 40 -10.66 -6.40 8.30
N SER A 41 -11.91 -6.20 7.87
CA SER A 41 -13.00 -7.10 8.24
C SER A 41 -12.85 -8.45 7.55
N GLY A 42 -12.56 -8.41 6.25
CA GLY A 42 -12.39 -9.64 5.49
C GLY A 42 -13.72 -10.18 4.97
N PRO A 43 -14.37 -9.41 4.10
CA PRO A 43 -15.65 -9.79 3.51
C PRO A 43 -15.51 -10.95 2.53
N SER A 44 -14.41 -10.98 1.79
CA SER A 44 -14.16 -12.03 0.82
C SER A 44 -12.88 -12.79 1.15
N SER A 45 -13.02 -14.04 1.55
CA SER A 45 -11.88 -14.88 1.90
C SER A 45 -11.65 -15.96 0.85
N GLY A 46 -10.53 -15.84 0.13
CA GLY A 46 -10.22 -16.82 -0.90
C GLY A 46 -9.18 -16.31 -1.88
ZN ZN B . -0.19 -0.73 2.87
N GLY A 1 -5.44 17.57 -7.87
CA GLY A 1 -5.66 16.14 -7.82
C GLY A 1 -6.13 15.68 -6.45
N SER A 2 -7.21 14.89 -6.44
CA SER A 2 -7.76 14.37 -5.19
C SER A 2 -7.13 13.03 -4.83
N SER A 3 -7.15 12.10 -5.78
CA SER A 3 -6.58 10.77 -5.56
C SER A 3 -5.55 10.44 -6.63
N GLY A 4 -4.30 10.21 -6.20
CA GLY A 4 -3.25 9.89 -7.14
C GLY A 4 -2.42 11.09 -7.52
N SER A 5 -1.17 11.12 -7.06
CA SER A 5 -0.27 12.23 -7.36
C SER A 5 0.56 11.94 -8.60
N SER A 6 1.35 10.88 -8.54
CA SER A 6 2.21 10.50 -9.65
C SER A 6 1.89 9.07 -10.11
N GLY A 7 1.09 8.97 -11.17
CA GLY A 7 0.72 7.67 -11.69
C GLY A 7 1.47 7.32 -12.96
N GLU A 8 2.62 6.66 -12.80
CA GLU A 8 3.44 6.27 -13.94
C GLU A 8 3.19 4.81 -14.32
N GLY A 9 1.93 4.39 -14.21
CA GLY A 9 1.58 3.02 -14.55
C GLY A 9 1.70 2.09 -13.37
N GLU A 10 2.50 1.03 -13.53
CA GLU A 10 2.69 0.05 -12.46
C GLU A 10 4.01 0.30 -11.74
N LYS A 11 3.96 0.32 -10.41
CA LYS A 11 5.16 0.55 -9.60
C LYS A 11 5.70 -0.77 -9.05
N PRO A 12 7.04 -0.87 -8.98
CA PRO A 12 7.71 -2.07 -8.48
C PRO A 12 7.51 -2.27 -6.98
N TYR A 13 7.12 -1.19 -6.29
CA TYR A 13 6.90 -1.25 -4.85
C TYR A 13 5.59 -0.55 -4.48
N GLN A 14 4.48 -1.24 -4.70
CA GLN A 14 3.17 -0.69 -4.40
C GLN A 14 2.37 -1.65 -3.53
N CYS A 15 2.04 -1.21 -2.31
CA CYS A 15 1.28 -2.03 -1.39
C CYS A 15 -0.15 -2.24 -1.89
N SER A 16 -0.47 -3.47 -2.26
CA SER A 16 -1.80 -3.81 -2.76
C SER A 16 -2.82 -3.82 -1.62
N GLU A 17 -2.41 -4.32 -0.46
CA GLU A 17 -3.29 -4.39 0.70
C GLU A 17 -4.18 -3.16 0.77
N CYS A 18 -3.56 -1.99 0.76
CA CYS A 18 -4.30 -0.73 0.83
C CYS A 18 -4.17 0.06 -0.47
N GLY A 19 -2.94 0.17 -0.96
CA GLY A 19 -2.70 0.89 -2.20
C GLY A 19 -1.83 2.11 -2.00
N LYS A 20 -0.56 1.89 -1.68
CA LYS A 20 0.38 2.97 -1.45
C LYS A 20 1.65 2.78 -2.28
N SER A 21 2.47 3.82 -2.36
CA SER A 21 3.72 3.77 -3.11
C SER A 21 4.84 4.45 -2.35
N PHE A 22 6.01 3.81 -2.34
CA PHE A 22 7.17 4.36 -1.65
C PHE A 22 8.44 4.17 -2.49
N SER A 23 9.54 4.75 -2.02
CA SER A 23 10.81 4.66 -2.72
C SER A 23 11.78 3.75 -1.98
N GLY A 24 11.64 2.45 -2.19
CA GLY A 24 12.51 1.49 -1.54
C GLY A 24 11.73 0.39 -0.83
N SER A 25 12.29 -0.81 -0.82
CA SER A 25 11.65 -1.95 -0.18
C SER A 25 11.64 -1.79 1.34
N TYR A 26 12.46 -0.87 1.83
CA TYR A 26 12.55 -0.61 3.27
C TYR A 26 11.34 0.18 3.75
N ARG A 27 10.94 1.16 2.96
CA ARG A 27 9.79 1.99 3.31
C ARG A 27 8.48 1.22 3.18
N LEU A 28 8.35 0.48 2.08
CA LEU A 28 7.15 -0.32 1.84
C LEU A 28 6.93 -1.33 2.96
N THR A 29 7.87 -2.25 3.10
CA THR A 29 7.78 -3.27 4.13
C THR A 29 7.35 -2.68 5.46
N GLN A 30 8.13 -1.75 5.98
CA GLN A 30 7.82 -1.10 7.25
C GLN A 30 6.38 -0.62 7.28
N HIS A 31 5.86 -0.26 6.11
CA HIS A 31 4.49 0.23 6.00
C HIS A 31 3.51 -0.94 5.93
N TRP A 32 4.00 -2.10 5.48
CA TRP A 32 3.17 -3.28 5.35
C TRP A 32 2.78 -3.83 6.73
N ILE A 33 3.77 -3.99 7.59
CA ILE A 33 3.54 -4.49 8.94
C ILE A 33 2.24 -3.92 9.52
N THR A 34 1.94 -2.68 9.16
CA THR A 34 0.74 -2.01 9.65
C THR A 34 -0.48 -2.91 9.51
N HIS A 35 -0.62 -3.54 8.34
CA HIS A 35 -1.74 -4.43 8.08
C HIS A 35 -1.61 -5.72 8.89
N THR A 36 -0.39 -6.22 9.00
CA THR A 36 -0.12 -7.45 9.75
C THR A 36 -0.67 -7.36 11.17
N ARG A 37 -0.36 -6.26 11.85
CA ARG A 37 -0.82 -6.05 13.22
C ARG A 37 -2.32 -5.79 13.25
N GLU A 38 -2.99 -6.27 14.29
CA GLU A 38 -4.42 -6.09 14.43
C GLU A 38 -4.76 -5.55 15.82
N LYS A 39 -5.02 -4.25 15.90
CA LYS A 39 -5.36 -3.61 17.17
C LYS A 39 -6.28 -2.42 16.94
N PRO A 40 -7.21 -2.21 17.88
CA PRO A 40 -8.18 -1.10 17.81
C PRO A 40 -7.51 0.25 18.04
N SER A 41 -7.13 0.90 16.94
CA SER A 41 -6.48 2.20 17.02
C SER A 41 -6.59 2.94 15.69
N GLY A 42 -7.35 4.03 15.68
CA GLY A 42 -7.53 4.82 14.47
C GLY A 42 -8.05 3.99 13.32
N PRO A 43 -7.82 4.47 12.09
CA PRO A 43 -8.26 3.78 10.87
C PRO A 43 -7.48 2.50 10.61
N SER A 44 -8.20 1.42 10.33
CA SER A 44 -7.57 0.12 10.06
C SER A 44 -8.31 -0.63 8.96
N SER A 45 -7.56 -1.39 8.17
CA SER A 45 -8.14 -2.15 7.07
C SER A 45 -7.67 -3.60 7.11
N GLY A 46 -8.38 -4.47 6.40
CA GLY A 46 -8.03 -5.87 6.37
C GLY A 46 -8.22 -6.49 5.00
ZN ZN B . -0.47 -0.68 2.81
N GLY A 1 -15.91 -3.98 -29.11
CA GLY A 1 -15.99 -4.15 -27.67
C GLY A 1 -15.68 -2.88 -26.91
N SER A 2 -15.67 -2.96 -25.59
CA SER A 2 -15.40 -1.81 -24.75
C SER A 2 -13.92 -1.40 -24.85
N SER A 3 -13.65 -0.13 -24.58
CA SER A 3 -12.29 0.39 -24.65
C SER A 3 -12.00 1.30 -23.47
N GLY A 4 -10.71 1.56 -23.22
CA GLY A 4 -10.33 2.42 -22.12
C GLY A 4 -9.20 3.35 -22.49
N SER A 5 -8.41 3.75 -21.50
CA SER A 5 -7.29 4.66 -21.72
C SER A 5 -5.98 4.02 -21.25
N SER A 6 -4.87 4.66 -21.62
CA SER A 6 -3.55 4.16 -21.23
C SER A 6 -2.64 5.32 -20.80
N GLY A 7 -1.69 5.01 -19.92
CA GLY A 7 -0.77 6.03 -19.45
C GLY A 7 0.01 5.58 -18.22
N GLU A 8 -0.64 5.69 -17.05
CA GLU A 8 0.00 5.30 -15.80
C GLU A 8 0.83 4.04 -15.99
N GLY A 9 2.00 4.00 -15.35
CA GLY A 9 2.87 2.84 -15.45
C GLY A 9 2.85 1.99 -14.20
N GLU A 10 3.77 1.03 -14.13
CA GLU A 10 3.85 0.14 -12.98
C GLU A 10 4.88 0.66 -11.97
N LYS A 11 4.54 0.55 -10.69
CA LYS A 11 5.42 1.01 -9.63
C LYS A 11 6.32 -0.13 -9.14
N PRO A 12 7.55 0.22 -8.75
CA PRO A 12 8.53 -0.76 -8.26
C PRO A 12 8.15 -1.30 -6.89
N TYR A 13 7.28 -0.59 -6.19
CA TYR A 13 6.84 -1.01 -4.86
C TYR A 13 5.50 -0.38 -4.51
N GLN A 14 4.45 -1.21 -4.53
CA GLN A 14 3.11 -0.73 -4.22
C GLN A 14 2.39 -1.72 -3.29
N CYS A 15 1.81 -1.19 -2.21
CA CYS A 15 1.09 -2.02 -1.25
C CYS A 15 -0.34 -2.28 -1.70
N SER A 16 -0.64 -3.53 -2.03
CA SER A 16 -1.97 -3.91 -2.48
C SER A 16 -2.97 -3.88 -1.33
N GLU A 17 -2.55 -4.42 -0.19
CA GLU A 17 -3.41 -4.46 0.99
C GLU A 17 -4.28 -3.21 1.08
N CYS A 18 -3.68 -2.05 0.85
CA CYS A 18 -4.39 -0.79 0.89
C CYS A 18 -4.29 -0.06 -0.45
N GLY A 19 -3.08 0.05 -0.98
CA GLY A 19 -2.89 0.71 -2.24
C GLY A 19 -2.02 1.96 -2.11
N LYS A 20 -0.84 1.80 -1.52
CA LYS A 20 0.08 2.91 -1.35
C LYS A 20 1.40 2.65 -2.06
N SER A 21 1.86 3.65 -2.82
CA SER A 21 3.11 3.51 -3.56
C SER A 21 4.28 4.10 -2.76
N PHE A 22 5.39 3.38 -2.75
CA PHE A 22 6.57 3.81 -2.01
C PHE A 22 7.80 3.86 -2.93
N SER A 23 8.88 4.40 -2.42
CA SER A 23 10.12 4.52 -3.20
C SER A 23 11.29 3.85 -2.46
N GLY A 24 11.05 2.67 -1.92
CA GLY A 24 12.08 1.95 -1.19
C GLY A 24 11.64 0.57 -0.77
N SER A 25 12.25 -0.45 -1.37
CA SER A 25 11.91 -1.84 -1.05
C SER A 25 11.71 -2.01 0.45
N TYR A 26 12.74 -1.69 1.23
CA TYR A 26 12.67 -1.81 2.68
C TYR A 26 11.52 -1.00 3.25
N ARG A 27 11.46 0.27 2.87
CA ARG A 27 10.40 1.17 3.35
C ARG A 27 9.05 0.45 3.32
N LEU A 28 8.69 -0.06 2.16
CA LEU A 28 7.41 -0.76 2.00
C LEU A 28 7.15 -1.68 3.18
N THR A 29 8.15 -2.46 3.56
CA THR A 29 8.03 -3.38 4.69
C THR A 29 7.56 -2.65 5.94
N GLN A 30 8.20 -1.52 6.23
CA GLN A 30 7.85 -0.73 7.41
C GLN A 30 6.36 -0.43 7.44
N HIS A 31 5.83 0.06 6.32
CA HIS A 31 4.42 0.38 6.22
C HIS A 31 3.55 -0.87 6.36
N TRP A 32 3.85 -1.87 5.55
CA TRP A 32 3.10 -3.13 5.58
C TRP A 32 2.78 -3.52 7.01
N ILE A 33 3.69 -3.24 7.93
CA ILE A 33 3.49 -3.56 9.34
C ILE A 33 2.05 -3.32 9.76
N THR A 34 1.51 -2.18 9.35
CA THR A 34 0.14 -1.81 9.70
C THR A 34 -0.81 -2.99 9.47
N HIS A 35 -0.62 -3.69 8.36
CA HIS A 35 -1.46 -4.84 8.03
C HIS A 35 -1.05 -6.06 8.84
N THR A 36 0.25 -6.22 9.04
CA THR A 36 0.77 -7.36 9.79
C THR A 36 -0.08 -7.64 11.02
N ARG A 37 -0.53 -6.57 11.69
CA ARG A 37 -1.36 -6.71 12.88
C ARG A 37 -2.77 -6.18 12.62
N GLU A 38 -3.75 -7.07 12.72
CA GLU A 38 -5.14 -6.70 12.50
C GLU A 38 -5.88 -6.52 13.82
N LYS A 39 -5.71 -5.36 14.45
CA LYS A 39 -6.36 -5.06 15.71
C LYS A 39 -6.65 -3.57 15.85
N PRO A 40 -7.65 -3.24 16.68
CA PRO A 40 -8.04 -1.84 16.92
C PRO A 40 -6.99 -1.06 17.70
N SER A 41 -6.99 0.25 17.54
CA SER A 41 -6.04 1.11 18.23
C SER A 41 -5.72 0.56 19.62
N GLY A 42 -4.48 0.12 19.80
CA GLY A 42 -4.08 -0.42 21.10
C GLY A 42 -3.75 0.67 22.10
N PRO A 43 -4.01 0.40 23.38
CA PRO A 43 -3.75 1.35 24.47
C PRO A 43 -2.25 1.53 24.72
N SER A 44 -1.67 2.53 24.06
CA SER A 44 -0.24 2.81 24.22
C SER A 44 0.07 3.31 25.62
N SER A 45 0.53 2.41 26.49
CA SER A 45 0.86 2.77 27.86
C SER A 45 2.26 3.35 27.95
N GLY A 46 2.45 4.29 28.88
CA GLY A 46 3.75 4.92 29.04
C GLY A 46 4.15 5.03 30.50
ZN ZN B . -0.74 -0.93 3.03
N GLY A 1 -17.18 5.48 -2.09
CA GLY A 1 -17.18 6.46 -3.16
C GLY A 1 -16.07 6.22 -4.16
N SER A 2 -15.88 7.18 -5.06
CA SER A 2 -14.85 7.08 -6.08
C SER A 2 -14.54 8.45 -6.68
N SER A 3 -13.25 8.76 -6.80
CA SER A 3 -12.82 10.04 -7.35
C SER A 3 -11.55 9.87 -8.19
N GLY A 4 -11.15 10.93 -8.87
CA GLY A 4 -9.95 10.88 -9.70
C GLY A 4 -8.69 10.74 -8.88
N SER A 5 -7.66 10.16 -9.48
CA SER A 5 -6.39 9.96 -8.80
C SER A 5 -5.22 10.34 -9.70
N SER A 6 -4.08 10.64 -9.09
CA SER A 6 -2.89 11.03 -9.84
C SER A 6 -1.88 9.88 -9.89
N GLY A 7 -1.26 9.71 -11.05
CA GLY A 7 -0.28 8.65 -11.21
C GLY A 7 1.15 9.13 -11.00
N GLU A 8 1.65 9.94 -11.93
CA GLU A 8 3.00 10.47 -11.83
C GLU A 8 4.02 9.33 -11.78
N GLY A 9 3.81 8.31 -12.62
CA GLY A 9 4.72 7.18 -12.64
C GLY A 9 4.38 6.14 -11.60
N GLU A 10 4.26 4.89 -12.04
CA GLU A 10 3.94 3.79 -11.14
C GLU A 10 5.19 3.00 -10.77
N LYS A 11 5.28 2.60 -9.51
CA LYS A 11 6.43 1.83 -9.04
C LYS A 11 6.03 0.39 -8.73
N PRO A 12 6.94 -0.56 -9.01
CA PRO A 12 6.71 -1.98 -8.78
C PRO A 12 6.66 -2.32 -7.28
N TYR A 13 6.80 -1.30 -6.44
CA TYR A 13 6.78 -1.50 -5.00
C TYR A 13 5.45 -1.02 -4.41
N GLN A 14 4.36 -1.39 -5.06
CA GLN A 14 3.03 -1.00 -4.59
C GLN A 14 2.48 -2.01 -3.59
N CYS A 15 1.79 -1.51 -2.57
CA CYS A 15 1.21 -2.37 -1.55
C CYS A 15 -0.06 -3.06 -2.05
N SER A 16 0.03 -4.36 -2.23
CA SER A 16 -1.11 -5.14 -2.71
C SER A 16 -1.98 -5.61 -1.56
N GLU A 17 -2.25 -4.70 -0.62
CA GLU A 17 -3.07 -5.01 0.53
C GLU A 17 -4.09 -3.91 0.80
N CYS A 18 -3.71 -2.67 0.53
CA CYS A 18 -4.59 -1.53 0.73
C CYS A 18 -4.54 -0.59 -0.47
N GLY A 19 -3.34 -0.35 -0.98
CA GLY A 19 -3.18 0.53 -2.13
C GLY A 19 -2.29 1.71 -1.83
N LYS A 20 -0.97 1.50 -1.88
CA LYS A 20 -0.01 2.55 -1.61
C LYS A 20 1.24 2.39 -2.48
N SER A 21 1.91 3.50 -2.75
CA SER A 21 3.12 3.48 -3.56
C SER A 21 4.34 3.83 -2.73
N PHE A 22 5.45 3.15 -2.99
CA PHE A 22 6.69 3.38 -2.27
C PHE A 22 7.89 3.29 -3.20
N SER A 23 9.07 3.63 -2.69
CA SER A 23 10.29 3.59 -3.47
C SER A 23 11.39 2.84 -2.73
N GLY A 24 11.23 1.51 -2.63
CA GLY A 24 12.21 0.70 -1.94
C GLY A 24 11.58 -0.39 -1.11
N SER A 25 12.28 -1.51 -0.99
CA SER A 25 11.77 -2.65 -0.22
C SER A 25 11.61 -2.28 1.26
N TYR A 26 12.67 -1.74 1.84
CA TYR A 26 12.66 -1.35 3.24
C TYR A 26 11.46 -0.46 3.54
N ARG A 27 11.35 0.63 2.79
CA ARG A 27 10.24 1.58 2.97
C ARG A 27 8.91 0.85 3.02
N LEU A 28 8.57 0.20 1.92
CA LEU A 28 7.31 -0.54 1.83
C LEU A 28 7.02 -1.29 3.12
N THR A 29 8.02 -2.02 3.62
CA THR A 29 7.87 -2.79 4.85
C THR A 29 7.30 -1.93 5.96
N GLN A 30 7.96 -0.80 6.24
CA GLN A 30 7.51 0.12 7.28
C GLN A 30 6.00 0.29 7.24
N HIS A 31 5.46 0.52 6.05
CA HIS A 31 4.02 0.70 5.87
C HIS A 31 3.29 -0.62 6.06
N TRP A 32 3.89 -1.71 5.58
CA TRP A 32 3.29 -3.03 5.69
C TRP A 32 3.06 -3.41 7.16
N ILE A 33 3.88 -2.84 8.04
CA ILE A 33 3.76 -3.11 9.47
C ILE A 33 2.37 -2.76 9.99
N THR A 34 1.76 -1.75 9.36
CA THR A 34 0.42 -1.31 9.77
C THR A 34 -0.63 -2.37 9.45
N HIS A 35 -0.27 -3.31 8.57
CA HIS A 35 -1.18 -4.38 8.19
C HIS A 35 -1.02 -5.58 9.11
N THR A 36 0.22 -5.87 9.50
CA THR A 36 0.51 -7.00 10.37
C THR A 36 0.26 -6.63 11.83
N ARG A 37 0.40 -5.36 12.15
CA ARG A 37 0.20 -4.88 13.51
C ARG A 37 -1.19 -4.24 13.66
N GLU A 38 -1.57 -3.97 14.91
CA GLU A 38 -2.87 -3.36 15.18
C GLU A 38 -2.71 -1.90 15.58
N LYS A 39 -2.49 -1.04 14.59
CA LYS A 39 -2.32 0.39 14.84
C LYS A 39 -3.26 1.21 13.97
N PRO A 40 -3.69 2.37 14.49
CA PRO A 40 -4.60 3.27 13.78
C PRO A 40 -3.94 3.94 12.58
N SER A 41 -4.29 3.47 11.38
CA SER A 41 -3.74 4.02 10.16
C SER A 41 -4.19 5.46 9.94
N GLY A 42 -5.49 5.69 10.10
CA GLY A 42 -6.04 7.03 9.92
C GLY A 42 -7.18 7.06 8.93
N PRO A 43 -7.96 8.16 8.94
CA PRO A 43 -9.10 8.34 8.05
C PRO A 43 -8.68 8.54 6.60
N SER A 44 -9.64 8.87 5.75
CA SER A 44 -9.36 9.10 4.33
C SER A 44 -8.82 7.82 3.68
N SER A 45 -9.45 6.69 4.00
CA SER A 45 -9.03 5.42 3.45
C SER A 45 -10.17 4.75 2.70
N GLY A 46 -10.34 5.11 1.44
CA GLY A 46 -11.40 4.53 0.63
C GLY A 46 -10.89 3.46 -0.31
ZN ZN B . -0.95 -1.00 2.46
N GLY A 1 -19.36 14.22 -21.35
CA GLY A 1 -17.97 13.84 -21.59
C GLY A 1 -17.01 14.55 -20.66
N SER A 2 -16.18 13.78 -19.97
CA SER A 2 -15.20 14.36 -19.04
C SER A 2 -14.27 13.27 -18.50
N SER A 3 -12.98 13.57 -18.49
CA SER A 3 -11.98 12.63 -18.00
C SER A 3 -10.68 13.34 -17.64
N GLY A 4 -9.90 12.73 -16.76
CA GLY A 4 -8.64 13.32 -16.34
C GLY A 4 -7.49 12.35 -16.46
N SER A 5 -6.61 12.35 -15.45
CA SER A 5 -5.45 11.47 -15.44
C SER A 5 -4.70 11.57 -14.11
N SER A 6 -3.82 10.60 -13.86
CA SER A 6 -3.05 10.58 -12.63
C SER A 6 -1.56 10.42 -12.93
N GLY A 7 -0.91 11.54 -13.26
CA GLY A 7 0.51 11.50 -13.57
C GLY A 7 0.91 10.25 -14.31
N GLU A 8 2.16 9.82 -14.11
CA GLU A 8 2.66 8.63 -14.77
C GLU A 8 3.95 8.14 -14.12
N GLY A 9 4.01 6.84 -13.81
CA GLY A 9 5.18 6.28 -13.18
C GLY A 9 4.85 5.11 -12.29
N GLU A 10 4.88 3.90 -12.84
CA GLU A 10 4.58 2.69 -12.09
C GLU A 10 5.79 2.24 -11.27
N LYS A 11 5.55 1.93 -10.00
CA LYS A 11 6.62 1.49 -9.11
C LYS A 11 6.42 0.03 -8.72
N PRO A 12 7.54 -0.69 -8.56
CA PRO A 12 7.53 -2.11 -8.19
C PRO A 12 7.09 -2.31 -6.74
N TYR A 13 7.16 -1.26 -5.95
CA TYR A 13 6.76 -1.33 -4.54
C TYR A 13 5.37 -0.73 -4.34
N GLN A 14 4.35 -1.53 -4.62
CA GLN A 14 2.97 -1.09 -4.47
C GLN A 14 2.18 -2.06 -3.60
N CYS A 15 1.82 -1.61 -2.40
CA CYS A 15 1.06 -2.44 -1.47
C CYS A 15 -0.38 -2.62 -1.95
N SER A 16 -0.74 -3.84 -2.30
CA SER A 16 -2.08 -4.15 -2.78
C SER A 16 -3.09 -4.10 -1.63
N GLU A 17 -2.72 -4.69 -0.51
CA GLU A 17 -3.59 -4.71 0.67
C GLU A 17 -4.40 -3.42 0.77
N CYS A 18 -3.72 -2.29 0.71
CA CYS A 18 -4.37 -0.99 0.79
C CYS A 18 -4.30 -0.25 -0.54
N GLY A 19 -3.12 -0.25 -1.15
CA GLY A 19 -2.94 0.42 -2.42
C GLY A 19 -2.05 1.63 -2.33
N LYS A 20 -0.89 1.46 -1.70
CA LYS A 20 0.07 2.55 -1.54
C LYS A 20 1.39 2.21 -2.19
N SER A 21 1.95 3.16 -2.95
CA SER A 21 3.21 2.96 -3.64
C SER A 21 4.35 3.64 -2.88
N PHE A 22 5.55 3.07 -3.00
CA PHE A 22 6.73 3.63 -2.33
C PHE A 22 7.94 3.58 -3.25
N SER A 23 8.93 4.43 -2.95
CA SER A 23 10.14 4.48 -3.75
C SER A 23 11.28 3.74 -3.06
N GLY A 24 10.98 2.56 -2.53
CA GLY A 24 11.99 1.76 -1.85
C GLY A 24 11.42 0.47 -1.29
N SER A 25 12.30 -0.49 -1.02
CA SER A 25 11.89 -1.77 -0.49
C SER A 25 11.52 -1.67 0.99
N TYR A 26 12.34 -0.94 1.74
CA TYR A 26 12.11 -0.76 3.17
C TYR A 26 10.77 -0.06 3.41
N ARG A 27 10.51 0.99 2.64
CA ARG A 27 9.26 1.74 2.77
C ARG A 27 8.06 0.80 2.75
N LEU A 28 8.14 -0.25 1.95
CA LEU A 28 7.06 -1.22 1.83
C LEU A 28 6.95 -2.07 3.10
N THR A 29 8.01 -2.82 3.39
CA THR A 29 8.04 -3.68 4.57
C THR A 29 7.58 -2.92 5.81
N GLN A 30 8.26 -1.81 6.10
CA GLN A 30 7.92 -0.99 7.26
C GLN A 30 6.45 -0.58 7.23
N HIS A 31 5.98 -0.20 6.05
CA HIS A 31 4.58 0.22 5.88
C HIS A 31 3.63 -0.95 6.11
N TRP A 32 4.07 -2.15 5.71
CA TRP A 32 3.25 -3.35 5.88
C TRP A 32 2.99 -3.63 7.35
N ILE A 33 4.00 -3.41 8.18
CA ILE A 33 3.87 -3.64 9.62
C ILE A 33 2.53 -3.15 10.14
N THR A 34 2.15 -1.93 9.74
CA THR A 34 0.89 -1.34 10.17
C THR A 34 -0.27 -2.31 9.93
N HIS A 35 -0.21 -3.03 8.82
CA HIS A 35 -1.25 -3.99 8.48
C HIS A 35 -1.30 -5.13 9.49
N THR A 36 -0.14 -5.49 10.02
CA THR A 36 -0.05 -6.57 11.00
C THR A 36 -0.42 -6.08 12.38
N ARG A 37 -1.50 -5.31 12.46
CA ARG A 37 -1.97 -4.77 13.74
C ARG A 37 -3.49 -4.93 13.87
N GLU A 38 -3.92 -5.63 14.90
CA GLU A 38 -5.35 -5.85 15.14
C GLU A 38 -5.84 -4.98 16.28
N LYS A 39 -7.16 -4.76 16.33
CA LYS A 39 -7.77 -3.96 17.37
C LYS A 39 -9.17 -4.47 17.70
N PRO A 40 -9.57 -4.29 18.97
CA PRO A 40 -10.89 -4.71 19.45
C PRO A 40 -12.03 -3.87 18.87
N SER A 41 -13.13 -4.53 18.51
CA SER A 41 -14.28 -3.84 17.94
C SER A 41 -14.93 -2.92 18.97
N GLY A 42 -14.69 -1.62 18.84
CA GLY A 42 -15.26 -0.67 19.77
C GLY A 42 -16.69 -0.30 19.42
N PRO A 43 -17.19 0.78 20.02
CA PRO A 43 -18.56 1.26 19.78
C PRO A 43 -18.74 1.83 18.38
N SER A 44 -17.78 2.67 17.97
CA SER A 44 -17.84 3.29 16.65
C SER A 44 -16.43 3.52 16.10
N SER A 45 -16.32 3.55 14.78
CA SER A 45 -15.03 3.76 14.13
C SER A 45 -14.59 5.22 14.27
N GLY A 46 -15.37 6.13 13.71
CA GLY A 46 -15.04 7.54 13.79
C GLY A 46 -14.05 7.97 12.72
ZN ZN B . -0.49 -1.12 2.77
N GLY A 1 -4.51 2.39 -18.19
CA GLY A 1 -3.18 2.98 -18.12
C GLY A 1 -2.70 3.48 -19.47
N SER A 2 -2.15 4.69 -19.49
CA SER A 2 -1.67 5.28 -20.73
C SER A 2 -0.14 5.33 -20.73
N SER A 3 0.44 5.77 -19.62
CA SER A 3 1.89 5.87 -19.50
C SER A 3 2.51 6.36 -20.80
N GLY A 4 1.87 7.35 -21.42
CA GLY A 4 2.37 7.90 -22.66
C GLY A 4 3.85 8.25 -22.59
N SER A 5 4.16 9.34 -21.90
CA SER A 5 5.54 9.79 -21.77
C SER A 5 5.87 10.08 -20.30
N SER A 6 6.46 9.09 -19.64
CA SER A 6 6.83 9.23 -18.23
C SER A 6 5.66 9.77 -17.42
N GLY A 7 4.46 9.28 -17.72
CA GLY A 7 3.29 9.72 -17.00
C GLY A 7 3.27 9.24 -15.56
N GLU A 8 2.58 8.12 -15.32
CA GLU A 8 2.48 7.57 -13.97
C GLU A 8 3.57 6.53 -13.74
N GLY A 9 3.75 5.64 -14.71
CA GLY A 9 4.76 4.60 -14.59
C GLY A 9 4.51 3.68 -13.42
N GLU A 10 4.58 2.38 -13.67
CA GLU A 10 4.35 1.39 -12.60
C GLU A 10 5.54 1.34 -11.64
N LYS A 11 5.25 1.04 -10.39
CA LYS A 11 6.29 0.96 -9.36
C LYS A 11 6.59 -0.48 -9.01
N PRO A 12 7.86 -0.77 -8.68
CA PRO A 12 8.31 -2.11 -8.31
C PRO A 12 7.76 -2.55 -6.95
N TYR A 13 7.34 -1.58 -6.15
CA TYR A 13 6.81 -1.86 -4.82
C TYR A 13 5.52 -1.07 -4.57
N GLN A 14 4.39 -1.76 -4.66
CA GLN A 14 3.09 -1.12 -4.44
C GLN A 14 2.21 -1.97 -3.53
N CYS A 15 2.09 -1.57 -2.28
CA CYS A 15 1.28 -2.29 -1.31
C CYS A 15 -0.13 -2.49 -1.83
N SER A 16 -0.64 -3.71 -1.70
CA SER A 16 -1.98 -4.05 -2.16
C SER A 16 -2.99 -3.94 -1.02
N GLU A 17 -2.54 -4.23 0.19
CA GLU A 17 -3.40 -4.16 1.37
C GLU A 17 -4.22 -2.88 1.36
N CYS A 18 -3.61 -1.79 0.93
CA CYS A 18 -4.28 -0.50 0.88
C CYS A 18 -4.19 0.11 -0.52
N GLY A 19 -2.97 0.12 -1.07
CA GLY A 19 -2.77 0.68 -2.40
C GLY A 19 -1.86 1.89 -2.39
N LYS A 20 -0.93 1.92 -1.42
CA LYS A 20 0.00 3.03 -1.30
C LYS A 20 1.35 2.67 -1.93
N SER A 21 1.94 3.62 -2.64
CA SER A 21 3.23 3.40 -3.28
C SER A 21 4.37 3.89 -2.40
N PHE A 22 5.59 3.45 -2.70
CA PHE A 22 6.76 3.84 -1.93
C PHE A 22 7.98 3.97 -2.83
N SER A 23 8.85 4.92 -2.51
CA SER A 23 10.05 5.16 -3.29
C SER A 23 10.93 3.91 -3.33
N GLY A 24 11.08 3.26 -2.18
CA GLY A 24 11.89 2.06 -2.10
C GLY A 24 11.15 0.91 -1.45
N SER A 25 11.82 -0.23 -1.33
CA SER A 25 11.22 -1.42 -0.73
C SER A 25 11.28 -1.34 0.80
N TYR A 26 12.44 -0.98 1.32
CA TYR A 26 12.63 -0.86 2.76
C TYR A 26 11.43 -0.18 3.40
N ARG A 27 10.92 0.85 2.75
CA ARG A 27 9.77 1.60 3.25
C ARG A 27 8.50 0.76 3.19
N LEU A 28 8.32 0.05 2.07
CA LEU A 28 7.15 -0.80 1.88
C LEU A 28 6.94 -1.71 3.07
N THR A 29 7.82 -2.70 3.22
CA THR A 29 7.73 -3.65 4.33
C THR A 29 7.41 -2.94 5.64
N GLN A 30 8.20 -1.91 5.97
CA GLN A 30 8.00 -1.16 7.19
C GLN A 30 6.53 -0.76 7.36
N HIS A 31 5.89 -0.41 6.25
CA HIS A 31 4.49 -0.01 6.27
C HIS A 31 3.58 -1.24 6.36
N TRP A 32 3.82 -2.20 5.47
CA TRP A 32 3.02 -3.43 5.44
C TRP A 32 2.71 -3.90 6.86
N ILE A 33 3.67 -3.73 7.76
CA ILE A 33 3.49 -4.14 9.14
C ILE A 33 2.17 -3.63 9.71
N THR A 34 1.89 -2.35 9.48
CA THR A 34 0.66 -1.74 9.96
C THR A 34 -0.55 -2.62 9.66
N HIS A 35 -0.47 -3.38 8.57
CA HIS A 35 -1.56 -4.26 8.18
C HIS A 35 -1.58 -5.51 9.05
N THR A 36 -0.40 -6.01 9.39
CA THR A 36 -0.29 -7.21 10.22
C THR A 36 0.65 -6.97 11.39
N ARG A 37 0.07 -6.86 12.59
CA ARG A 37 0.87 -6.63 13.81
C ARG A 37 0.67 -7.77 14.80
N GLU A 38 0.54 -8.99 14.28
CA GLU A 38 0.35 -10.16 15.13
C GLU A 38 1.63 -10.48 15.90
N LYS A 39 1.50 -10.58 17.22
CA LYS A 39 2.64 -10.89 18.08
C LYS A 39 2.25 -11.88 19.16
N PRO A 40 3.19 -12.78 19.51
CA PRO A 40 2.97 -13.80 20.54
C PRO A 40 2.89 -13.20 21.94
N SER A 41 3.79 -12.26 22.22
CA SER A 41 3.82 -11.61 23.52
C SER A 41 2.71 -10.56 23.64
N GLY A 42 2.01 -10.58 24.78
CA GLY A 42 0.94 -9.64 25.00
C GLY A 42 -0.15 -9.74 23.94
N PRO A 43 -1.40 -9.50 24.36
CA PRO A 43 -2.56 -9.56 23.47
C PRO A 43 -2.57 -8.42 22.45
N SER A 44 -3.23 -8.65 21.32
CA SER A 44 -3.31 -7.65 20.27
C SER A 44 -4.76 -7.26 19.99
N SER A 45 -5.29 -6.35 20.80
CA SER A 45 -6.66 -5.90 20.65
C SER A 45 -6.72 -4.39 20.43
N GLY A 46 -6.01 -3.65 21.28
CA GLY A 46 -5.99 -2.20 21.17
C GLY A 46 -5.31 -1.74 19.89
ZN ZN B . -0.54 -0.81 2.76
N GLY A 1 -4.06 16.74 -22.68
CA GLY A 1 -3.38 17.98 -22.97
C GLY A 1 -1.99 18.04 -22.35
N SER A 2 -0.98 17.67 -23.13
CA SER A 2 0.39 17.68 -22.65
C SER A 2 0.45 17.30 -21.17
N SER A 3 -0.32 16.28 -20.80
CA SER A 3 -0.35 15.81 -19.42
C SER A 3 0.05 14.35 -19.33
N GLY A 4 1.35 14.10 -19.19
CA GLY A 4 1.84 12.74 -19.10
C GLY A 4 3.29 12.67 -18.62
N SER A 5 3.48 12.81 -17.32
CA SER A 5 4.82 12.78 -16.74
C SER A 5 5.63 11.61 -17.32
N SER A 6 6.94 11.66 -17.10
CA SER A 6 7.83 10.61 -17.59
C SER A 6 8.12 9.58 -16.51
N GLY A 7 7.88 8.31 -16.83
CA GLY A 7 8.12 7.24 -15.88
C GLY A 7 7.61 7.58 -14.49
N GLU A 8 6.31 7.43 -14.28
CA GLU A 8 5.70 7.73 -12.99
C GLU A 8 4.25 7.25 -12.95
N GLY A 9 3.94 6.44 -11.94
CA GLY A 9 2.59 5.92 -11.80
C GLY A 9 2.58 4.47 -11.37
N GLU A 10 3.25 3.62 -12.15
CA GLU A 10 3.30 2.19 -11.85
C GLU A 10 4.68 1.79 -11.33
N LYS A 11 4.76 1.53 -10.03
CA LYS A 11 6.02 1.14 -9.40
C LYS A 11 5.94 -0.28 -8.87
N PRO A 12 7.07 -1.00 -8.92
CA PRO A 12 7.16 -2.38 -8.45
C PRO A 12 7.05 -2.48 -6.93
N TYR A 13 7.31 -1.37 -6.25
CA TYR A 13 7.24 -1.33 -4.79
C TYR A 13 5.91 -0.76 -4.32
N GLN A 14 4.81 -1.29 -4.85
CA GLN A 14 3.49 -0.84 -4.49
C GLN A 14 2.76 -1.88 -3.64
N CYS A 15 2.12 -1.42 -2.57
CA CYS A 15 1.39 -2.31 -1.67
C CYS A 15 0.04 -2.68 -2.26
N SER A 16 -0.51 -3.81 -1.81
CA SER A 16 -1.80 -4.28 -2.29
C SER A 16 -2.86 -4.18 -1.20
N GLU A 17 -2.47 -4.54 0.03
CA GLU A 17 -3.39 -4.48 1.16
C GLU A 17 -4.28 -3.25 1.09
N CYS A 18 -3.65 -2.10 0.88
CA CYS A 18 -4.37 -0.83 0.80
C CYS A 18 -4.20 -0.19 -0.58
N GLY A 19 -2.95 -0.16 -1.04
CA GLY A 19 -2.66 0.43 -2.34
C GLY A 19 -1.85 1.70 -2.23
N LYS A 20 -0.61 1.57 -1.77
CA LYS A 20 0.29 2.72 -1.62
C LYS A 20 1.65 2.43 -2.24
N SER A 21 2.18 3.40 -2.97
CA SER A 21 3.49 3.25 -3.61
C SER A 21 4.60 3.71 -2.68
N PHE A 22 5.81 3.22 -2.92
CA PHE A 22 6.97 3.58 -2.10
C PHE A 22 8.24 3.59 -2.95
N SER A 23 9.11 4.56 -2.69
CA SER A 23 10.36 4.68 -3.41
C SER A 23 11.45 3.80 -2.79
N GLY A 24 11.09 2.54 -2.54
CA GLY A 24 12.03 1.61 -1.96
C GLY A 24 11.36 0.42 -1.32
N SER A 25 12.12 -0.65 -1.11
CA SER A 25 11.57 -1.87 -0.50
C SER A 25 11.54 -1.75 1.02
N TYR A 26 12.61 -1.22 1.60
CA TYR A 26 12.70 -1.05 3.04
C TYR A 26 11.49 -0.30 3.57
N ARG A 27 11.15 0.82 2.93
CA ARG A 27 10.02 1.63 3.34
C ARG A 27 8.72 0.83 3.25
N LEU A 28 8.56 0.10 2.15
CA LEU A 28 7.36 -0.71 1.95
C LEU A 28 7.08 -1.60 3.16
N THR A 29 8.07 -2.43 3.51
CA THR A 29 7.93 -3.33 4.65
C THR A 29 7.35 -2.60 5.86
N GLN A 30 8.01 -1.53 6.27
CA GLN A 30 7.55 -0.75 7.42
C GLN A 30 6.08 -0.38 7.28
N HIS A 31 5.68 -0.04 6.06
CA HIS A 31 4.29 0.33 5.78
C HIS A 31 3.37 -0.89 5.86
N TRP A 32 3.93 -2.06 5.57
CA TRP A 32 3.16 -3.29 5.60
C TRP A 32 2.88 -3.71 7.04
N ILE A 33 3.60 -3.12 7.98
CA ILE A 33 3.42 -3.43 9.40
C ILE A 33 1.99 -3.17 9.84
N THR A 34 1.46 -2.01 9.45
CA THR A 34 0.10 -1.63 9.81
C THR A 34 -0.91 -2.67 9.32
N HIS A 35 -0.46 -3.55 8.43
CA HIS A 35 -1.31 -4.59 7.88
C HIS A 35 -1.20 -5.87 8.70
N THR A 36 -0.53 -5.78 9.84
CA THR A 36 -0.36 -6.93 10.72
C THR A 36 0.24 -6.51 12.05
N ARG A 37 -0.59 -6.52 13.10
CA ARG A 37 -0.14 -6.14 14.43
C ARG A 37 -0.56 -7.19 15.46
N GLU A 38 -0.28 -6.91 16.73
CA GLU A 38 -0.63 -7.83 17.81
C GLU A 38 -1.97 -7.44 18.43
N LYS A 39 -2.98 -8.27 18.21
CA LYS A 39 -4.30 -8.01 18.76
C LYS A 39 -4.61 -8.95 19.92
N PRO A 40 -5.40 -8.46 20.89
CA PRO A 40 -5.76 -9.24 22.08
C PRO A 40 -6.72 -10.38 21.75
N SER A 41 -7.34 -10.29 20.57
CA SER A 41 -8.29 -11.32 20.15
C SER A 41 -9.06 -11.89 21.32
N GLY A 42 -9.65 -11.00 22.12
CA GLY A 42 -10.41 -11.43 23.28
C GLY A 42 -10.93 -10.26 24.09
N PRO A 43 -11.24 -10.52 25.38
CA PRO A 43 -11.76 -9.49 26.28
C PRO A 43 -10.71 -8.45 26.63
N SER A 44 -11.05 -7.17 26.43
CA SER A 44 -10.13 -6.09 26.72
C SER A 44 -10.57 -5.33 27.98
N SER A 45 -9.68 -4.47 28.48
CA SER A 45 -9.99 -3.69 29.68
C SER A 45 -11.22 -2.82 29.47
N GLY A 46 -12.29 -3.14 30.19
CA GLY A 46 -13.53 -2.38 30.07
C GLY A 46 -14.56 -2.79 31.10
ZN ZN B . -0.60 -0.91 2.43
N GLY A 1 -7.10 11.79 -25.25
CA GLY A 1 -6.87 10.42 -24.87
C GLY A 1 -7.80 9.96 -23.76
N SER A 2 -8.70 9.04 -24.10
CA SER A 2 -9.67 8.52 -23.13
C SER A 2 -9.88 7.02 -23.31
N SER A 3 -10.59 6.41 -22.38
CA SER A 3 -10.86 4.98 -22.45
C SER A 3 -9.57 4.19 -22.62
N GLY A 4 -8.54 4.60 -21.89
CA GLY A 4 -7.26 3.91 -21.98
C GLY A 4 -6.25 4.45 -20.97
N SER A 5 -5.01 4.63 -21.43
CA SER A 5 -3.95 5.13 -20.56
C SER A 5 -3.41 6.46 -21.08
N SER A 6 -2.93 7.30 -20.16
CA SER A 6 -2.38 8.60 -20.52
C SER A 6 -0.95 8.47 -21.04
N GLY A 7 -0.16 7.65 -20.34
CA GLY A 7 1.22 7.45 -20.73
C GLY A 7 1.89 6.33 -19.96
N GLU A 8 2.75 6.68 -19.03
CA GLU A 8 3.46 5.69 -18.22
C GLU A 8 3.36 6.03 -16.74
N GLY A 9 3.36 4.99 -15.90
CA GLY A 9 3.27 5.19 -14.47
C GLY A 9 3.26 3.88 -13.71
N GLU A 10 4.35 3.12 -13.82
CA GLU A 10 4.45 1.85 -13.13
C GLU A 10 5.46 1.93 -11.97
N LYS A 11 5.06 1.40 -10.82
CA LYS A 11 5.93 1.42 -9.64
C LYS A 11 6.47 0.02 -9.36
N PRO A 12 7.72 -0.04 -8.88
CA PRO A 12 8.38 -1.30 -8.55
C PRO A 12 7.77 -1.97 -7.31
N TYR A 13 7.08 -1.18 -6.50
CA TYR A 13 6.45 -1.69 -5.28
C TYR A 13 5.10 -1.01 -5.05
N GLN A 14 4.05 -1.83 -4.97
CA GLN A 14 2.70 -1.32 -4.74
C GLN A 14 2.01 -2.10 -3.63
N CYS A 15 1.77 -1.43 -2.50
CA CYS A 15 1.12 -2.06 -1.37
C CYS A 15 -0.31 -2.47 -1.72
N SER A 16 -0.51 -3.76 -1.96
CA SER A 16 -1.82 -4.28 -2.32
C SER A 16 -2.78 -4.19 -1.13
N GLU A 17 -2.28 -4.49 0.06
CA GLU A 17 -3.10 -4.44 1.27
C GLU A 17 -4.06 -3.27 1.22
N CYS A 18 -3.52 -2.06 1.13
CA CYS A 18 -4.34 -0.85 1.09
C CYS A 18 -4.37 -0.28 -0.33
N GLY A 19 -3.20 -0.18 -0.96
CA GLY A 19 -3.12 0.34 -2.30
C GLY A 19 -2.28 1.60 -2.38
N LYS A 20 -1.16 1.61 -1.67
CA LYS A 20 -0.27 2.76 -1.65
C LYS A 20 1.01 2.47 -2.44
N SER A 21 1.89 3.46 -2.53
CA SER A 21 3.14 3.31 -3.25
C SER A 21 4.31 3.83 -2.42
N PHE A 22 5.50 3.28 -2.68
CA PHE A 22 6.70 3.69 -1.95
C PHE A 22 7.95 3.42 -2.78
N SER A 23 8.80 4.44 -2.91
CA SER A 23 10.03 4.32 -3.68
C SER A 23 11.14 3.69 -2.84
N GLY A 24 10.83 2.56 -2.21
CA GLY A 24 11.81 1.88 -1.38
C GLY A 24 11.42 0.45 -1.08
N SER A 25 12.40 -0.45 -1.15
CA SER A 25 12.15 -1.86 -0.88
C SER A 25 11.96 -2.12 0.61
N TYR A 26 12.77 -1.45 1.43
CA TYR A 26 12.68 -1.61 2.87
C TYR A 26 11.55 -0.77 3.45
N ARG A 27 11.49 0.49 3.05
CA ARG A 27 10.46 1.40 3.52
C ARG A 27 9.08 0.75 3.43
N LEU A 28 8.81 0.09 2.31
CA LEU A 28 7.52 -0.57 2.11
C LEU A 28 7.19 -1.46 3.30
N THR A 29 8.08 -2.41 3.60
CA THR A 29 7.87 -3.32 4.71
C THR A 29 7.39 -2.58 5.96
N GLN A 30 8.16 -1.58 6.38
CA GLN A 30 7.81 -0.79 7.55
C GLN A 30 6.33 -0.45 7.56
N HIS A 31 5.83 0.03 6.41
CA HIS A 31 4.42 0.39 6.30
C HIS A 31 3.53 -0.83 6.43
N TRP A 32 3.80 -1.86 5.63
CA TRP A 32 3.02 -3.08 5.67
C TRP A 32 2.73 -3.51 7.10
N ILE A 33 3.66 -3.20 8.01
CA ILE A 33 3.50 -3.54 9.41
C ILE A 33 2.08 -3.25 9.90
N THR A 34 1.60 -2.05 9.59
CA THR A 34 0.26 -1.64 9.99
C THR A 34 -0.75 -2.73 9.69
N HIS A 35 -0.60 -3.38 8.54
CA HIS A 35 -1.51 -4.46 8.14
C HIS A 35 -1.29 -5.70 9.00
N THR A 36 -0.03 -5.98 9.31
CA THR A 36 0.31 -7.15 10.11
C THR A 36 -0.47 -7.17 11.42
N ARG A 37 -0.54 -6.01 12.08
CA ARG A 37 -1.25 -5.89 13.34
C ARG A 37 -2.76 -6.00 13.12
N GLU A 38 -3.46 -6.59 14.09
CA GLU A 38 -4.90 -6.76 14.00
C GLU A 38 -5.62 -5.59 14.67
N LYS A 39 -6.31 -4.80 13.86
CA LYS A 39 -7.05 -3.64 14.37
C LYS A 39 -8.11 -4.07 15.37
N PRO A 40 -8.33 -3.24 16.41
CA PRO A 40 -9.32 -3.53 17.45
C PRO A 40 -10.76 -3.42 16.93
N SER A 41 -10.90 -3.01 15.68
CA SER A 41 -12.21 -2.87 15.07
C SER A 41 -12.97 -4.18 15.07
N GLY A 42 -14.26 -4.13 14.78
CA GLY A 42 -15.08 -5.33 14.76
C GLY A 42 -15.66 -5.65 16.12
N PRO A 43 -16.54 -6.66 16.16
CA PRO A 43 -17.19 -7.10 17.39
C PRO A 43 -16.23 -7.75 18.37
N SER A 44 -15.40 -8.67 17.85
CA SER A 44 -14.44 -9.38 18.67
C SER A 44 -13.49 -10.21 17.81
N SER A 45 -12.19 -10.02 18.00
CA SER A 45 -11.19 -10.75 17.24
C SER A 45 -10.57 -11.87 18.07
N GLY A 46 -9.92 -11.48 19.17
CA GLY A 46 -9.30 -12.47 20.04
C GLY A 46 -9.68 -12.28 21.49
ZN ZN B . -0.54 -0.68 2.86
N GLY A 1 -19.79 7.89 -9.86
CA GLY A 1 -19.32 9.17 -10.35
C GLY A 1 -17.82 9.29 -10.36
N SER A 2 -17.21 9.25 -9.19
CA SER A 2 -15.76 9.35 -9.06
C SER A 2 -15.06 8.52 -10.14
N SER A 3 -13.92 8.99 -10.61
CA SER A 3 -13.16 8.29 -11.63
C SER A 3 -11.67 8.56 -11.49
N GLY A 4 -10.86 7.54 -11.73
CA GLY A 4 -9.41 7.68 -11.61
C GLY A 4 -8.68 7.05 -12.78
N SER A 5 -7.50 7.58 -13.09
CA SER A 5 -6.70 7.07 -14.20
C SER A 5 -5.81 5.92 -13.73
N SER A 6 -5.41 5.05 -14.66
CA SER A 6 -4.57 3.92 -14.34
C SER A 6 -3.15 4.37 -14.00
N GLY A 7 -2.51 5.06 -14.95
CA GLY A 7 -1.16 5.54 -14.73
C GLY A 7 -0.14 4.83 -15.60
N GLU A 8 1.11 5.30 -15.56
CA GLU A 8 2.17 4.70 -16.35
C GLU A 8 3.38 4.38 -15.48
N GLY A 9 3.79 5.36 -14.67
CA GLY A 9 4.94 5.16 -13.80
C GLY A 9 4.62 4.25 -12.62
N GLU A 10 4.40 2.98 -12.92
CA GLU A 10 4.09 1.99 -11.88
C GLU A 10 5.37 1.34 -11.35
N LYS A 11 5.63 1.54 -10.06
CA LYS A 11 6.81 0.98 -9.43
C LYS A 11 6.60 -0.50 -9.08
N PRO A 12 7.69 -1.26 -9.02
CA PRO A 12 7.64 -2.69 -8.70
C PRO A 12 7.27 -2.94 -7.25
N TYR A 13 7.01 -1.87 -6.51
CA TYR A 13 6.63 -1.98 -5.09
C TYR A 13 5.34 -1.23 -4.82
N GLN A 14 4.22 -1.95 -4.86
CA GLN A 14 2.92 -1.35 -4.62
C GLN A 14 2.13 -2.16 -3.57
N CYS A 15 1.98 -1.59 -2.39
CA CYS A 15 1.25 -2.24 -1.31
C CYS A 15 -0.06 -2.84 -1.82
N SER A 16 -0.14 -4.15 -1.84
CA SER A 16 -1.34 -4.84 -2.31
C SER A 16 -2.32 -5.07 -1.15
N GLU A 17 -2.47 -4.06 -0.30
CA GLU A 17 -3.36 -4.15 0.84
C GLU A 17 -4.27 -2.92 0.91
N CYS A 18 -3.67 -1.75 0.80
CA CYS A 18 -4.41 -0.49 0.86
C CYS A 18 -4.30 0.26 -0.45
N GLY A 19 -3.10 0.33 -1.00
CA GLY A 19 -2.88 1.04 -2.25
C GLY A 19 -1.97 2.24 -2.10
N LYS A 20 -0.73 1.99 -1.67
CA LYS A 20 0.24 3.05 -1.48
C LYS A 20 1.57 2.70 -2.13
N SER A 21 2.03 3.56 -3.05
CA SER A 21 3.29 3.34 -3.75
C SER A 21 4.40 4.17 -3.13
N PHE A 22 5.39 3.50 -2.55
CA PHE A 22 6.52 4.18 -1.93
C PHE A 22 7.75 4.15 -2.84
N SER A 23 8.70 5.03 -2.55
CA SER A 23 9.93 5.09 -3.35
C SER A 23 11.05 4.31 -2.69
N GLY A 24 10.72 3.11 -2.21
CA GLY A 24 11.72 2.28 -1.55
C GLY A 24 11.12 1.03 -0.93
N SER A 25 11.65 -0.13 -1.31
CA SER A 25 11.16 -1.40 -0.80
C SER A 25 11.35 -1.49 0.71
N TYR A 26 12.53 -1.09 1.17
CA TYR A 26 12.85 -1.12 2.60
C TYR A 26 11.76 -0.44 3.41
N ARG A 27 11.20 0.63 2.86
CA ARG A 27 10.14 1.38 3.54
C ARG A 27 8.81 0.67 3.40
N LEU A 28 8.55 0.11 2.23
CA LEU A 28 7.30 -0.61 1.98
C LEU A 28 6.98 -1.55 3.13
N THR A 29 7.81 -2.57 3.31
CA THR A 29 7.60 -3.54 4.38
C THR A 29 7.20 -2.85 5.69
N GLN A 30 8.03 -1.92 6.14
CA GLN A 30 7.76 -1.20 7.37
C GLN A 30 6.31 -0.71 7.41
N HIS A 31 5.78 -0.35 6.26
CA HIS A 31 4.40 0.13 6.15
C HIS A 31 3.43 -1.04 6.11
N TRP A 32 3.91 -2.19 5.68
CA TRP A 32 3.08 -3.39 5.58
C TRP A 32 2.76 -3.92 6.98
N ILE A 33 3.73 -3.88 7.87
CA ILE A 33 3.54 -4.36 9.24
C ILE A 33 2.32 -3.71 9.88
N THR A 34 2.11 -2.44 9.59
CA THR A 34 0.97 -1.71 10.15
C THR A 34 -0.34 -2.43 9.86
N HIS A 35 -0.41 -3.07 8.69
CA HIS A 35 -1.62 -3.79 8.30
C HIS A 35 -1.83 -5.01 9.18
N THR A 36 -0.73 -5.62 9.64
CA THR A 36 -0.80 -6.79 10.50
C THR A 36 -0.82 -6.39 11.97
N ARG A 37 -1.48 -5.28 12.26
CA ARG A 37 -1.57 -4.78 13.63
C ARG A 37 -3.00 -4.41 13.98
N GLU A 38 -3.23 -4.07 15.25
CA GLU A 38 -4.56 -3.69 15.70
C GLU A 38 -4.67 -2.17 15.87
N LYS A 39 -5.68 -1.58 15.24
CA LYS A 39 -5.89 -0.14 15.32
C LYS A 39 -7.33 0.22 14.97
N PRO A 40 -7.81 1.35 15.50
CA PRO A 40 -9.17 1.83 15.25
C PRO A 40 -9.37 2.30 13.82
N SER A 41 -10.62 2.63 13.47
CA SER A 41 -10.94 3.09 12.13
C SER A 41 -10.37 2.14 11.08
N GLY A 42 -10.55 0.84 11.32
CA GLY A 42 -10.05 -0.16 10.38
C GLY A 42 -11.01 -0.40 9.24
N PRO A 43 -12.08 -1.19 9.52
CA PRO A 43 -13.10 -1.52 8.51
C PRO A 43 -13.95 -0.32 8.13
N SER A 44 -13.78 0.16 6.91
CA SER A 44 -14.53 1.30 6.42
C SER A 44 -14.63 1.29 4.90
N SER A 45 -15.81 0.94 4.39
CA SER A 45 -16.03 0.88 2.96
C SER A 45 -17.02 1.96 2.51
N GLY A 46 -18.10 2.11 3.26
CA GLY A 46 -19.10 3.11 2.93
C GLY A 46 -18.88 4.41 3.66
ZN ZN B . -0.67 -0.42 2.76
N GLY A 1 -16.16 9.02 -4.47
CA GLY A 1 -15.89 9.06 -5.90
C GLY A 1 -15.01 7.91 -6.34
N SER A 2 -14.64 7.91 -7.63
CA SER A 2 -13.81 6.85 -8.19
C SER A 2 -12.62 7.44 -8.94
N SER A 3 -11.76 6.57 -9.44
CA SER A 3 -10.58 7.00 -10.18
C SER A 3 -10.85 7.04 -11.68
N GLY A 4 -11.53 6.00 -12.18
CA GLY A 4 -11.85 5.94 -13.59
C GLY A 4 -10.84 5.14 -14.38
N SER A 5 -9.62 5.67 -14.50
CA SER A 5 -8.56 5.00 -15.24
C SER A 5 -8.16 3.70 -14.56
N SER A 6 -7.37 2.89 -15.25
CA SER A 6 -6.92 1.62 -14.72
C SER A 6 -5.42 1.63 -14.44
N GLY A 7 -5.05 1.97 -13.21
CA GLY A 7 -3.65 2.03 -12.84
C GLY A 7 -2.83 2.87 -13.79
N GLU A 8 -2.56 4.11 -13.39
CA GLU A 8 -1.78 5.02 -14.22
C GLU A 8 -0.40 5.26 -13.62
N GLY A 9 0.53 4.35 -13.89
CA GLY A 9 1.87 4.48 -13.36
C GLY A 9 2.35 3.21 -12.67
N GLU A 10 2.75 2.22 -13.46
CA GLU A 10 3.23 0.96 -12.91
C GLU A 10 4.51 1.17 -12.10
N LYS A 11 4.40 0.97 -10.79
CA LYS A 11 5.54 1.13 -9.90
C LYS A 11 6.09 -0.22 -9.46
N PRO A 12 7.41 -0.30 -9.27
CA PRO A 12 8.08 -1.53 -8.85
C PRO A 12 7.77 -1.90 -7.41
N TYR A 13 7.30 -0.92 -6.63
CA TYR A 13 6.95 -1.15 -5.24
C TYR A 13 5.61 -0.51 -4.90
N GLN A 14 4.54 -1.30 -5.01
CA GLN A 14 3.20 -0.82 -4.72
C GLN A 14 2.51 -1.71 -3.70
N CYS A 15 2.15 -1.12 -2.56
CA CYS A 15 1.48 -1.86 -1.49
C CYS A 15 0.09 -2.29 -1.93
N SER A 16 -0.13 -3.60 -2.01
CA SER A 16 -1.42 -4.14 -2.41
C SER A 16 -2.40 -4.13 -1.25
N GLU A 17 -1.91 -4.48 -0.06
CA GLU A 17 -2.74 -4.50 1.13
C GLU A 17 -3.78 -3.39 1.09
N CYS A 18 -3.32 -2.16 0.94
CA CYS A 18 -4.21 -1.01 0.89
C CYS A 18 -4.24 -0.40 -0.51
N GLY A 19 -3.06 -0.18 -1.08
CA GLY A 19 -2.97 0.39 -2.41
C GLY A 19 -2.22 1.71 -2.43
N LYS A 20 -1.05 1.74 -1.79
CA LYS A 20 -0.23 2.94 -1.73
C LYS A 20 1.12 2.70 -2.40
N SER A 21 1.84 3.80 -2.67
CA SER A 21 3.15 3.71 -3.31
C SER A 21 4.26 4.04 -2.30
N PHE A 22 5.41 3.40 -2.49
CA PHE A 22 6.55 3.62 -1.60
C PHE A 22 7.85 3.63 -2.39
N SER A 23 8.76 4.52 -2.01
CA SER A 23 10.05 4.64 -2.69
C SER A 23 11.12 3.85 -1.95
N GLY A 24 11.16 2.54 -2.20
CA GLY A 24 12.13 1.69 -1.55
C GLY A 24 11.57 0.32 -1.19
N SER A 25 12.45 -0.65 -1.01
CA SER A 25 12.04 -2.01 -0.67
C SER A 25 11.78 -2.12 0.83
N TYR A 26 12.72 -1.63 1.62
CA TYR A 26 12.60 -1.68 3.08
C TYR A 26 11.45 -0.81 3.57
N ARG A 27 11.36 0.40 3.03
CA ARG A 27 10.30 1.33 3.40
C ARG A 27 8.94 0.67 3.31
N LEU A 28 8.72 -0.10 2.25
CA LEU A 28 7.45 -0.79 2.05
C LEU A 28 7.11 -1.68 3.25
N THR A 29 7.95 -2.68 3.49
CA THR A 29 7.75 -3.58 4.61
C THR A 29 7.43 -2.83 5.88
N GLN A 30 8.19 -1.76 6.14
CA GLN A 30 7.99 -0.95 7.34
C GLN A 30 6.53 -0.51 7.46
N HIS A 31 5.94 -0.12 6.33
CA HIS A 31 4.54 0.32 6.31
C HIS A 31 3.59 -0.87 6.45
N TRP A 32 3.85 -1.91 5.66
CA TRP A 32 3.01 -3.11 5.70
C TRP A 32 2.64 -3.47 7.14
N ILE A 33 3.62 -3.37 8.04
CA ILE A 33 3.41 -3.69 9.43
C ILE A 33 2.02 -3.23 9.89
N THR A 34 1.65 -2.01 9.51
CA THR A 34 0.37 -1.45 9.88
C THR A 34 -0.76 -2.45 9.64
N HIS A 35 -0.81 -3.01 8.44
CA HIS A 35 -1.83 -3.98 8.09
C HIS A 35 -1.67 -5.27 8.90
N THR A 36 -0.41 -5.62 9.18
CA THR A 36 -0.12 -6.83 9.95
C THR A 36 -0.84 -6.82 11.29
N ARG A 37 -0.76 -5.69 11.99
CA ARG A 37 -1.41 -5.55 13.29
C ARG A 37 -2.29 -4.30 13.33
N GLU A 38 -3.58 -4.49 13.09
CA GLU A 38 -4.52 -3.38 13.10
C GLU A 38 -5.95 -3.88 13.31
N LYS A 39 -6.82 -2.97 13.75
CA LYS A 39 -8.22 -3.33 13.99
C LYS A 39 -8.80 -4.10 12.81
N PRO A 40 -9.68 -5.06 13.10
CA PRO A 40 -10.32 -5.89 12.07
C PRO A 40 -11.32 -5.09 11.23
N SER A 41 -11.33 -5.35 9.93
CA SER A 41 -12.24 -4.65 9.02
C SER A 41 -12.55 -5.52 7.81
N GLY A 42 -13.80 -5.46 7.34
CA GLY A 42 -14.21 -6.25 6.19
C GLY A 42 -14.40 -5.39 4.96
N PRO A 43 -13.29 -5.11 4.25
CA PRO A 43 -13.31 -4.30 3.03
C PRO A 43 -13.99 -5.01 1.87
N SER A 44 -14.04 -4.35 0.72
CA SER A 44 -14.66 -4.92 -0.47
C SER A 44 -13.61 -5.34 -1.49
N SER A 45 -13.80 -6.50 -2.10
CA SER A 45 -12.85 -7.02 -3.09
C SER A 45 -13.40 -6.83 -4.50
N GLY A 46 -12.51 -6.90 -5.48
CA GLY A 46 -12.92 -6.74 -6.87
C GLY A 46 -13.27 -8.06 -7.53
ZN ZN B . -0.40 -0.40 2.71
N GLY A 1 -20.21 -0.70 -15.60
CA GLY A 1 -18.84 -0.25 -15.74
C GLY A 1 -18.74 1.13 -16.37
N SER A 2 -18.92 2.17 -15.56
CA SER A 2 -18.86 3.53 -16.05
C SER A 2 -17.43 4.08 -15.98
N SER A 3 -16.82 3.98 -14.80
CA SER A 3 -15.47 4.46 -14.59
C SER A 3 -14.49 3.75 -15.52
N GLY A 4 -13.24 4.21 -15.52
CA GLY A 4 -12.23 3.61 -16.38
C GLY A 4 -10.83 3.79 -15.83
N SER A 5 -9.96 2.83 -16.09
CA SER A 5 -8.58 2.88 -15.61
C SER A 5 -7.61 2.44 -16.71
N SER A 6 -6.76 3.37 -17.13
CA SER A 6 -5.78 3.08 -18.18
C SER A 6 -4.53 3.95 -18.01
N GLY A 7 -3.38 3.30 -17.96
CA GLY A 7 -2.12 4.02 -17.80
C GLY A 7 -2.14 4.94 -16.60
N GLU A 8 -1.65 4.46 -15.47
CA GLU A 8 -1.61 5.26 -14.25
C GLU A 8 -0.16 5.46 -13.78
N GLY A 9 0.55 4.35 -13.59
CA GLY A 9 1.93 4.44 -13.14
C GLY A 9 2.27 3.38 -12.10
N GLU A 10 2.42 2.15 -12.55
CA GLU A 10 2.75 1.04 -11.65
C GLU A 10 4.19 1.14 -11.17
N LYS A 11 4.40 0.86 -9.88
CA LYS A 11 5.74 0.91 -9.31
C LYS A 11 6.15 -0.46 -8.79
N PRO A 12 7.48 -0.70 -8.72
CA PRO A 12 8.04 -1.96 -8.25
C PRO A 12 7.83 -2.16 -6.75
N TYR A 13 7.41 -1.10 -6.07
CA TYR A 13 7.18 -1.17 -4.63
C TYR A 13 5.81 -0.58 -4.28
N GLN A 14 4.76 -1.31 -4.61
CA GLN A 14 3.39 -0.86 -4.33
C GLN A 14 2.69 -1.85 -3.40
N CYS A 15 2.09 -1.32 -2.34
CA CYS A 15 1.38 -2.15 -1.37
C CYS A 15 -0.05 -2.42 -1.84
N SER A 16 -0.36 -3.70 -2.09
CA SER A 16 -1.68 -4.09 -2.55
C SER A 16 -2.68 -4.04 -1.41
N GLU A 17 -2.27 -4.55 -0.25
CA GLU A 17 -3.13 -4.57 0.93
C GLU A 17 -4.04 -3.35 0.96
N CYS A 18 -3.45 -2.18 0.74
CA CYS A 18 -4.20 -0.93 0.74
C CYS A 18 -4.12 -0.24 -0.61
N GLY A 19 -2.90 -0.10 -1.12
CA GLY A 19 -2.71 0.55 -2.41
C GLY A 19 -1.86 1.81 -2.31
N LYS A 20 -0.65 1.66 -1.78
CA LYS A 20 0.26 2.79 -1.62
C LYS A 20 1.54 2.57 -2.41
N SER A 21 2.34 3.62 -2.53
CA SER A 21 3.60 3.53 -3.27
C SER A 21 4.75 4.08 -2.42
N PHE A 22 5.97 3.64 -2.74
CA PHE A 22 7.15 4.08 -2.01
C PHE A 22 8.39 4.00 -2.90
N SER A 23 9.36 4.87 -2.62
CA SER A 23 10.60 4.90 -3.39
C SER A 23 11.67 4.01 -2.75
N GLY A 24 11.25 2.83 -2.31
CA GLY A 24 12.17 1.91 -1.68
C GLY A 24 11.51 0.61 -1.27
N SER A 25 12.32 -0.42 -1.05
CA SER A 25 11.80 -1.73 -0.65
C SER A 25 11.40 -1.74 0.81
N TYR A 26 12.36 -1.41 1.68
CA TYR A 26 12.10 -1.38 3.12
C TYR A 26 10.94 -0.46 3.45
N ARG A 27 10.95 0.74 2.86
CA ARG A 27 9.89 1.72 3.09
C ARG A 27 8.52 1.07 2.97
N LEU A 28 8.37 0.22 1.96
CA LEU A 28 7.10 -0.47 1.72
C LEU A 28 6.81 -1.48 2.83
N THR A 29 7.74 -2.40 3.04
CA THR A 29 7.58 -3.42 4.08
C THR A 29 7.23 -2.79 5.41
N GLN A 30 8.14 -1.98 5.94
CA GLN A 30 7.92 -1.33 7.22
C GLN A 30 6.47 -0.83 7.35
N HIS A 31 5.87 -0.50 6.21
CA HIS A 31 4.50 -0.02 6.19
C HIS A 31 3.51 -1.18 6.21
N TRP A 32 3.79 -2.19 5.39
CA TRP A 32 2.93 -3.37 5.31
C TRP A 32 2.53 -3.85 6.70
N ILE A 33 3.46 -3.79 7.63
CA ILE A 33 3.21 -4.20 9.01
C ILE A 33 1.99 -3.49 9.58
N THR A 34 1.84 -2.22 9.23
CA THR A 34 0.73 -1.42 9.72
C THR A 34 -0.58 -2.19 9.62
N HIS A 35 -0.64 -3.13 8.68
CA HIS A 35 -1.83 -3.94 8.47
C HIS A 35 -1.93 -5.04 9.53
N THR A 36 -0.78 -5.61 9.90
CA THR A 36 -0.73 -6.67 10.89
C THR A 36 -0.78 -6.10 12.31
N ARG A 37 -1.65 -5.12 12.52
CA ARG A 37 -1.79 -4.48 13.82
C ARG A 37 -3.09 -4.92 14.49
N GLU A 38 -4.20 -4.57 13.88
CA GLU A 38 -5.52 -4.92 14.42
C GLU A 38 -5.62 -6.43 14.67
N LYS A 39 -6.71 -6.85 15.30
CA LYS A 39 -6.93 -8.26 15.59
C LYS A 39 -6.60 -9.12 14.38
N PRO A 40 -6.05 -10.32 14.64
CA PRO A 40 -5.67 -11.26 13.59
C PRO A 40 -6.89 -11.87 12.90
N SER A 41 -8.08 -11.46 13.33
CA SER A 41 -9.31 -11.97 12.76
C SER A 41 -10.09 -10.85 12.06
N GLY A 42 -9.72 -10.57 10.82
CA GLY A 42 -10.39 -9.53 10.06
C GLY A 42 -11.24 -10.08 8.93
N PRO A 43 -11.80 -9.18 8.11
CA PRO A 43 -12.65 -9.56 6.98
C PRO A 43 -11.85 -10.23 5.86
N SER A 44 -12.48 -11.19 5.20
CA SER A 44 -11.83 -11.91 4.11
C SER A 44 -11.00 -10.96 3.25
N SER A 45 -9.81 -11.41 2.86
CA SER A 45 -8.92 -10.60 2.04
C SER A 45 -7.99 -11.48 1.21
N GLY A 46 -7.45 -10.93 0.13
CA GLY A 46 -6.57 -11.67 -0.74
C GLY A 46 -6.64 -11.21 -2.18
ZN ZN B . -0.47 -0.95 2.87
N GLY A 1 -15.03 11.65 -1.63
CA GLY A 1 -14.31 10.39 -1.70
C GLY A 1 -13.04 10.50 -2.51
N SER A 2 -11.89 10.49 -1.84
CA SER A 2 -10.60 10.59 -2.52
C SER A 2 -9.48 10.10 -1.62
N SER A 3 -8.54 9.37 -2.20
CA SER A 3 -7.40 8.84 -1.45
C SER A 3 -6.09 9.28 -2.07
N GLY A 4 -6.15 9.74 -3.32
CA GLY A 4 -4.95 10.18 -4.01
C GLY A 4 -4.78 9.52 -5.37
N SER A 5 -5.29 10.16 -6.41
CA SER A 5 -5.20 9.63 -7.76
C SER A 5 -3.86 8.94 -7.98
N SER A 6 -3.85 7.93 -8.86
CA SER A 6 -2.63 7.19 -9.16
C SER A 6 -1.71 8.01 -10.06
N GLY A 7 -0.51 7.48 -10.28
CA GLY A 7 0.45 8.17 -11.12
C GLY A 7 0.79 7.39 -12.37
N GLU A 8 1.34 8.08 -13.37
CA GLU A 8 1.71 7.45 -14.63
C GLU A 8 2.86 6.47 -14.44
N GLY A 9 2.65 5.22 -14.86
CA GLY A 9 3.69 4.22 -14.73
C GLY A 9 3.41 3.25 -13.61
N GLU A 10 4.08 2.10 -13.63
CA GLU A 10 3.90 1.08 -12.60
C GLU A 10 5.11 1.01 -11.69
N LYS A 11 4.93 1.44 -10.44
CA LYS A 11 6.01 1.41 -9.47
C LYS A 11 6.37 -0.01 -9.07
N PRO A 12 7.66 -0.27 -8.82
CA PRO A 12 8.16 -1.58 -8.43
C PRO A 12 7.71 -1.98 -7.03
N TYR A 13 7.29 -0.99 -6.25
CA TYR A 13 6.84 -1.22 -4.88
C TYR A 13 5.48 -0.57 -4.63
N GLN A 14 4.44 -1.37 -4.65
CA GLN A 14 3.08 -0.88 -4.42
C GLN A 14 2.28 -1.84 -3.55
N CYS A 15 2.04 -1.45 -2.31
CA CYS A 15 1.28 -2.28 -1.37
C CYS A 15 0.02 -2.83 -2.03
N SER A 16 -0.13 -4.15 -2.00
CA SER A 16 -1.29 -4.81 -2.60
C SER A 16 -2.32 -5.16 -1.53
N GLU A 17 -2.43 -4.31 -0.52
CA GLU A 17 -3.37 -4.54 0.57
C GLU A 17 -4.28 -3.32 0.77
N CYS A 18 -3.68 -2.13 0.64
CA CYS A 18 -4.43 -0.89 0.80
C CYS A 18 -4.31 -0.02 -0.44
N GLY A 19 -3.10 0.08 -0.97
CA GLY A 19 -2.87 0.89 -2.15
C GLY A 19 -1.83 1.98 -1.92
N LYS A 20 -0.90 1.72 -1.01
CA LYS A 20 0.14 2.69 -0.68
C LYS A 20 1.37 2.47 -1.57
N SER A 21 2.10 3.55 -1.84
CA SER A 21 3.29 3.47 -2.68
C SER A 21 4.51 4.00 -1.93
N PHE A 22 5.70 3.67 -2.44
CA PHE A 22 6.94 4.10 -1.82
C PHE A 22 8.09 4.08 -2.83
N SER A 23 9.22 4.64 -2.43
CA SER A 23 10.40 4.70 -3.30
C SER A 23 11.44 3.67 -2.88
N GLY A 24 10.97 2.46 -2.58
CA GLY A 24 11.87 1.39 -2.17
C GLY A 24 11.18 0.35 -1.33
N SER A 25 11.80 -0.83 -1.23
CA SER A 25 11.23 -1.93 -0.46
C SER A 25 11.28 -1.63 1.03
N TYR A 26 12.45 -1.19 1.50
CA TYR A 26 12.63 -0.88 2.91
C TYR A 26 11.41 -0.17 3.47
N ARG A 27 10.86 0.77 2.70
CA ARG A 27 9.68 1.51 3.12
C ARG A 27 8.43 0.65 3.05
N LEU A 28 8.18 0.05 1.89
CA LEU A 28 7.01 -0.80 1.70
C LEU A 28 6.82 -1.72 2.90
N THR A 29 7.79 -2.59 3.14
CA THR A 29 7.72 -3.53 4.25
C THR A 29 7.38 -2.81 5.56
N GLN A 30 8.14 -1.76 5.86
CA GLN A 30 7.92 -0.98 7.07
C GLN A 30 6.46 -0.58 7.21
N HIS A 31 5.80 -0.36 6.07
CA HIS A 31 4.39 0.03 6.07
C HIS A 31 3.50 -1.19 6.21
N TRP A 32 3.78 -2.22 5.42
CA TRP A 32 3.00 -3.45 5.45
C TRP A 32 2.68 -3.86 6.89
N ILE A 33 3.62 -3.61 7.79
CA ILE A 33 3.43 -3.95 9.19
C ILE A 33 2.19 -3.27 9.76
N THR A 34 2.01 -2.00 9.43
CA THR A 34 0.87 -1.24 9.90
C THR A 34 -0.43 -2.01 9.71
N HIS A 35 -0.41 -2.98 8.79
CA HIS A 35 -1.58 -3.80 8.51
C HIS A 35 -1.75 -4.89 9.56
N THR A 36 -0.62 -5.40 10.05
CA THR A 36 -0.64 -6.46 11.07
C THR A 36 -0.65 -5.88 12.47
N ARG A 37 -0.25 -4.61 12.59
CA ARG A 37 -0.21 -3.94 13.88
C ARG A 37 -1.61 -3.47 14.29
N GLU A 38 -2.38 -2.99 13.31
CA GLU A 38 -3.72 -2.51 13.57
C GLU A 38 -4.63 -3.66 14.01
N LYS A 39 -5.40 -3.43 15.06
CA LYS A 39 -6.31 -4.45 15.58
C LYS A 39 -7.03 -5.17 14.43
N PRO A 40 -7.25 -6.48 14.61
CA PRO A 40 -7.92 -7.31 13.60
C PRO A 40 -9.41 -6.98 13.48
N SER A 41 -9.75 -6.20 12.45
CA SER A 41 -11.14 -5.81 12.22
C SER A 41 -12.00 -7.02 11.91
N GLY A 42 -11.65 -7.72 10.84
CA GLY A 42 -12.40 -8.90 10.43
C GLY A 42 -12.09 -10.11 11.30
N PRO A 43 -13.03 -11.06 11.37
CA PRO A 43 -12.88 -12.28 12.15
C PRO A 43 -11.83 -13.22 11.56
N SER A 44 -10.86 -13.62 12.37
CA SER A 44 -9.81 -14.52 11.93
C SER A 44 -10.35 -15.94 11.72
N SER A 45 -10.52 -16.32 10.47
CA SER A 45 -11.04 -17.65 10.14
C SER A 45 -10.11 -18.36 9.16
N GLY A 46 -9.67 -17.64 8.14
CA GLY A 46 -8.78 -18.21 7.14
C GLY A 46 -7.56 -18.86 7.76
ZN ZN B . -0.67 -0.96 2.67
#